data_5Z7O
#
_entry.id   5Z7O
#
_cell.length_a   131.05
_cell.length_b   200.1
_cell.length_c   59.41
_cell.angle_alpha   90.0
_cell.angle_beta   90.0
_cell.angle_gamma   90.0
#
_symmetry.space_group_name_H-M   'C 2 2 21'
#
loop_
_entity.id
_entity.type
_entity.pdbx_description
1 polymer 'Chitinase A'
2 branched 2-acetamido-2-deoxy-beta-D-glucopyranose-(1-4)-2-acetamido-2-deoxy-beta-D-glucopyranose-(1-4)-2-acetamido-2-deoxy-beta-D-glucopyranose-(1-4)-2-acetamido-2-deoxy-beta-D-glucopyranose
3 non-polymer GLYCEROL
4 water water
#
_entity_poly.entity_id   1
_entity_poly.type   'polypeptide(L)'
_entity_poly.pdbx_seq_one_letter_code
;AAPGKPTIAWGNTKFAIVEVDQAATAYNNLVKVKNAADVSVSWNLWNGDTGTTAKVLLNGKEAWSGPSTGSSGTANFKVN
KGGRYQMQVALCNADGCTASDATEIVVADTDGSHLAPLKEPLLEKNKPYKQNSGKVVGSYFVEWGVYGRNFTVDKIPAQN
LTHLLYGFIPICGGNGINDSLKEIEGSFQALQRSCQGREDFKVSIHDPFAALQKAQKGVTAWDDPYKGNFGQLMALKQAH
PDLKILPSIGGWTLSDPFFFMGDKVKRDRFVGSVKEFLQTWKFFDGVDIAWEFPGGKGANPNLGSPQDGETYVLLMKELR
AMLDQLSVETGRKYELTSAISAGKDMIDKVAYNVAQNSMDHIFLMSYDFYGAADLKNLGHQTALNAPAWKPDTAYTTVNG
VNALLAQGVKPGKIVVGTAMYGRGWTGVNGYQNNIPFTGTATGPVKGTWENGIVDYRQIAGQFMSGEWQYTYDATAEAPY
VFKPSTGDLITFDDARSVQAKGKYVLDKQLGGLFSAMIDADNGDILNSMNASLGNSAGVQHHHHHH
;
_entity_poly.pdbx_strand_id   A
#
loop_
_chem_comp.id
_chem_comp.type
_chem_comp.name
_chem_comp.formula
GOL non-polymer GLYCEROL 'C3 H8 O3'
NAG D-saccharide, beta linking 2-acetamido-2-deoxy-beta-D-glucopyranose 'C8 H15 N O6'
#
# COMPACT_ATOMS: atom_id res chain seq x y z
N ALA A 1 39.43 44.39 -12.23
CA ALA A 1 38.46 44.18 -11.14
C ALA A 1 37.71 42.89 -11.38
N ALA A 2 37.10 42.35 -10.32
CA ALA A 2 36.30 41.13 -10.42
C ALA A 2 35.08 41.38 -11.31
N PRO A 3 34.47 40.32 -11.85
CA PRO A 3 33.33 40.51 -12.75
C PRO A 3 32.13 41.13 -12.02
N GLY A 4 31.22 41.68 -12.82
CA GLY A 4 29.94 42.09 -12.27
C GLY A 4 29.15 40.93 -11.71
N LYS A 5 28.17 41.25 -10.88
CA LYS A 5 27.35 40.25 -10.24
C LYS A 5 26.23 39.82 -11.19
N PRO A 6 26.17 38.56 -11.61
CA PRO A 6 25.15 38.15 -12.57
C PRO A 6 23.77 38.02 -11.92
N THR A 7 22.76 38.13 -12.77
CA THR A 7 21.35 37.97 -12.39
C THR A 7 20.85 36.68 -13.02
N ILE A 8 20.37 35.76 -12.18
CA ILE A 8 19.84 34.51 -12.71
C ILE A 8 18.57 34.81 -13.49
N ALA A 9 18.45 34.24 -14.69
CA ALA A 9 17.29 34.48 -15.53
C ALA A 9 16.05 33.79 -14.95
N TRP A 10 14.90 34.45 -15.09
CA TRP A 10 13.64 33.78 -14.80
C TRP A 10 13.52 32.53 -15.68
N GLY A 11 13.08 31.43 -15.08
CA GLY A 11 12.95 30.20 -15.84
C GLY A 11 12.52 29.07 -14.93
N ASN A 12 12.26 27.92 -15.54
CA ASN A 12 11.87 26.75 -14.78
C ASN A 12 12.95 26.40 -13.77
N THR A 13 12.56 26.10 -12.54
CA THR A 13 13.48 25.65 -11.50
C THR A 13 13.13 24.27 -10.94
N LYS A 14 12.20 23.56 -11.56
CA LYS A 14 11.72 22.27 -11.06
C LYS A 14 12.10 21.19 -12.06
N PHE A 15 12.87 20.21 -11.61
CA PHE A 15 13.42 19.16 -12.47
C PHE A 15 13.19 17.81 -11.80
N ALA A 16 13.36 16.74 -12.58
CA ALA A 16 12.97 15.40 -12.11
C ALA A 16 13.94 14.33 -12.58
N ILE A 17 14.38 13.47 -11.66
CA ILE A 17 15.24 12.35 -12.04
C ILE A 17 14.43 11.25 -12.73
N VAL A 18 13.23 10.99 -12.22
CA VAL A 18 12.26 10.12 -12.85
C VAL A 18 11.20 11.03 -13.46
N GLU A 19 11.13 11.05 -14.78
CA GLU A 19 10.22 11.97 -15.48
C GLU A 19 8.88 11.29 -15.71
N VAL A 20 7.82 12.10 -15.68
CA VAL A 20 6.46 11.63 -15.90
C VAL A 20 5.94 12.30 -17.15
N ASP A 21 5.55 11.50 -18.14
CA ASP A 21 4.94 12.02 -19.35
C ASP A 21 3.49 12.35 -19.04
N GLN A 22 3.11 13.63 -19.18
CA GLN A 22 1.76 14.05 -18.80
C GLN A 22 0.72 13.75 -19.87
N ALA A 23 1.14 13.29 -21.05
CA ALA A 23 0.20 12.90 -22.09
C ALA A 23 0.42 11.45 -22.48
N ALA A 24 0.31 10.53 -21.53
CA ALA A 24 0.52 9.12 -21.78
C ALA A 24 -0.39 8.28 -20.89
N THR A 25 -1.01 7.25 -21.45
CA THR A 25 -1.81 6.32 -20.68
C THR A 25 -1.15 4.96 -20.52
N ALA A 26 -0.11 4.67 -21.30
CA ALA A 26 0.61 3.41 -21.19
C ALA A 26 1.75 3.57 -20.19
N TYR A 27 1.85 2.63 -19.25
CA TYR A 27 2.87 2.71 -18.21
C TYR A 27 4.27 2.81 -18.81
N ASN A 28 4.53 2.10 -19.92
CA ASN A 28 5.84 2.17 -20.57
C ASN A 28 6.19 3.60 -20.94
N ASN A 29 5.22 4.38 -21.38
CA ASN A 29 5.48 5.78 -21.74
C ASN A 29 5.32 6.72 -20.55
N LEU A 30 4.52 6.34 -19.56
CA LEU A 30 4.18 7.24 -18.47
C LEU A 30 5.41 7.67 -17.68
N VAL A 31 6.35 6.76 -17.48
CA VAL A 31 7.45 7.01 -16.55
C VAL A 31 8.76 6.76 -17.28
N LYS A 32 9.72 7.67 -17.11
CA LYS A 32 11.04 7.55 -17.71
C LYS A 32 12.08 7.71 -16.61
N VAL A 33 12.72 6.61 -16.23
CA VAL A 33 13.77 6.64 -15.21
C VAL A 33 15.07 7.10 -15.85
N LYS A 34 15.66 8.17 -15.34
CA LYS A 34 16.95 8.63 -15.79
C LYS A 34 17.98 8.44 -14.67
N ASN A 35 19.26 8.40 -15.06
CA ASN A 35 20.33 8.37 -14.07
C ASN A 35 20.49 9.71 -13.37
N ALA A 36 20.01 10.78 -13.97
CA ALA A 36 20.18 12.11 -13.41
C ALA A 36 19.18 13.04 -14.08
N ALA A 37 18.83 14.10 -13.37
CA ALA A 37 17.94 15.12 -13.91
C ALA A 37 18.71 16.06 -14.84
N ASP A 38 18.07 16.42 -15.95
CA ASP A 38 18.62 17.44 -16.85
C ASP A 38 18.22 18.81 -16.34
N VAL A 39 19.18 19.59 -15.88
CA VAL A 39 18.94 20.89 -15.27
C VAL A 39 19.48 21.96 -16.20
N SER A 40 18.78 23.09 -16.28
CA SER A 40 19.22 24.23 -17.09
C SER A 40 19.10 25.50 -16.28
N VAL A 41 20.08 26.42 -16.46
CA VAL A 41 20.02 27.74 -15.85
C VAL A 41 20.56 28.75 -16.88
N SER A 42 19.99 29.95 -16.87
CA SER A 42 20.48 31.06 -17.66
C SER A 42 20.72 32.28 -16.77
N TRP A 43 21.45 33.26 -17.29
CA TRP A 43 21.79 34.45 -16.53
C TRP A 43 22.01 35.61 -17.49
N ASN A 44 21.88 36.82 -16.93
CA ASN A 44 22.23 38.07 -17.59
C ASN A 44 23.18 38.84 -16.68
N LEU A 45 24.05 39.62 -17.30
CA LEU A 45 24.91 40.54 -16.54
C LEU A 45 24.56 41.94 -16.97
N TRP A 46 23.93 42.69 -16.08
CA TRP A 46 23.45 44.03 -16.40
C TRP A 46 24.48 45.11 -16.12
N ASN A 47 25.47 44.85 -15.27
CA ASN A 47 26.44 45.87 -14.90
C ASN A 47 27.81 45.24 -14.69
N GLY A 48 28.76 45.55 -15.57
CA GLY A 48 30.15 45.24 -15.35
C GLY A 48 30.75 44.35 -16.42
N ASP A 49 31.93 43.81 -16.08
CA ASP A 49 32.65 42.87 -16.90
C ASP A 49 32.06 41.49 -16.71
N THR A 50 31.85 40.76 -17.82
CA THR A 50 31.23 39.44 -17.74
C THR A 50 32.18 38.35 -17.27
N GLY A 51 33.44 38.69 -16.96
CA GLY A 51 34.39 37.67 -16.54
C GLY A 51 34.85 36.80 -17.70
N THR A 52 35.62 35.77 -17.38
N THR A 52 35.67 35.81 -17.34
CA THR A 52 36.05 34.84 -18.42
CA THR A 52 36.26 34.83 -18.23
C THR A 52 35.63 33.40 -18.18
C THR A 52 35.56 33.49 -18.18
N THR A 53 35.23 33.04 -16.98
CA THR A 53 34.65 31.73 -16.71
C THR A 53 33.34 31.92 -15.97
N ALA A 54 32.30 31.21 -16.42
CA ALA A 54 31.02 31.18 -15.74
C ALA A 54 30.85 29.81 -15.10
N LYS A 55 30.27 29.78 -13.90
CA LYS A 55 30.08 28.55 -13.16
C LYS A 55 28.67 28.52 -12.59
N VAL A 56 28.11 27.32 -12.51
CA VAL A 56 26.87 27.10 -11.78
C VAL A 56 27.21 26.33 -10.53
N LEU A 57 26.86 26.89 -9.38
CA LEU A 57 27.10 26.29 -8.08
C LEU A 57 25.80 25.76 -7.50
N LEU A 58 25.86 24.60 -6.88
CA LEU A 58 24.76 24.05 -6.07
C LEU A 58 25.27 23.93 -4.65
N ASN A 59 24.71 24.71 -3.73
CA ASN A 59 25.19 24.75 -2.35
C ASN A 59 26.70 25.01 -2.31
N GLY A 60 27.16 25.92 -3.17
CA GLY A 60 28.56 26.27 -3.23
C GLY A 60 29.44 25.36 -4.06
N LYS A 61 28.94 24.20 -4.50
CA LYS A 61 29.75 23.24 -5.24
C LYS A 61 29.46 23.33 -6.73
N GLU A 62 30.51 23.44 -7.54
CA GLU A 62 30.35 23.59 -8.98
C GLU A 62 29.69 22.38 -9.62
N ALA A 63 28.61 22.63 -10.36
CA ALA A 63 27.96 21.62 -11.18
C ALA A 63 28.23 21.80 -12.67
N TRP A 64 28.79 22.94 -13.06
CA TRP A 64 29.00 23.26 -14.46
C TRP A 64 29.98 24.43 -14.54
N SER A 65 30.78 24.43 -15.60
CA SER A 65 31.76 25.49 -15.82
C SER A 65 31.95 25.63 -17.31
N GLY A 66 32.13 26.87 -17.77
CA GLY A 66 32.32 27.14 -19.18
C GLY A 66 32.86 28.53 -19.36
N PRO A 67 33.32 28.84 -20.57
CA PRO A 67 33.78 30.21 -20.84
C PRO A 67 32.63 31.20 -20.79
N SER A 68 32.88 32.38 -20.23
CA SER A 68 31.88 33.44 -20.18
C SER A 68 32.06 34.30 -21.42
N THR A 69 31.18 34.15 -22.40
CA THR A 69 31.38 34.73 -23.73
C THR A 69 30.46 35.89 -24.06
N GLY A 70 29.64 36.36 -23.13
CA GLY A 70 28.75 37.46 -23.43
C GLY A 70 27.99 37.88 -22.19
N SER A 71 27.12 38.86 -22.38
CA SER A 71 26.33 39.38 -21.27
C SER A 71 25.22 38.44 -20.83
N SER A 72 24.90 37.42 -21.63
CA SER A 72 23.94 36.39 -21.23
C SER A 72 24.56 35.02 -21.49
N GLY A 73 24.06 34.02 -20.77
CA GLY A 73 24.56 32.67 -20.95
C GLY A 73 23.55 31.64 -20.49
N THR A 74 23.79 30.40 -20.92
CA THR A 74 22.93 29.27 -20.56
C THR A 74 23.83 28.09 -20.23
N ALA A 75 23.48 27.35 -19.16
CA ALA A 75 24.20 26.14 -18.76
C ALA A 75 23.23 24.97 -18.65
N ASN A 76 23.62 23.82 -19.20
CA ASN A 76 22.87 22.58 -19.10
C ASN A 76 23.76 21.53 -18.46
N PHE A 77 23.27 20.88 -17.41
CA PHE A 77 24.07 19.93 -16.66
C PHE A 77 23.15 18.92 -16.01
N LYS A 78 23.75 17.91 -15.38
CA LYS A 78 23.00 16.83 -14.75
C LYS A 78 23.15 16.89 -13.24
N VAL A 79 22.07 16.54 -12.52
CA VAL A 79 22.07 16.46 -11.07
C VAL A 79 21.51 15.08 -10.68
N ASN A 80 22.31 14.27 -9.98
CA ASN A 80 21.94 12.88 -9.81
C ASN A 80 21.39 12.56 -8.42
N LYS A 81 21.12 13.56 -7.60
CA LYS A 81 20.53 13.31 -6.30
C LYS A 81 19.37 14.27 -6.09
N GLY A 82 18.25 13.73 -5.61
CA GLY A 82 17.06 14.54 -5.41
C GLY A 82 17.17 15.41 -4.18
N GLY A 83 16.41 16.50 -4.20
CA GLY A 83 16.37 17.41 -3.08
C GLY A 83 16.22 18.84 -3.57
N ARG A 84 16.47 19.78 -2.65
CA ARG A 84 16.41 21.19 -2.96
C ARG A 84 17.80 21.79 -2.79
N TYR A 85 18.21 22.63 -3.75
CA TYR A 85 19.56 23.17 -3.81
C TYR A 85 19.51 24.68 -3.91
N GLN A 86 20.43 25.34 -3.23
CA GLN A 86 20.65 26.78 -3.39
C GLN A 86 21.59 26.94 -4.57
N MET A 87 21.05 27.37 -5.70
CA MET A 87 21.80 27.48 -6.94
C MET A 87 22.27 28.92 -7.13
N GLN A 88 23.51 29.07 -7.59
CA GLN A 88 24.07 30.37 -7.92
C GLN A 88 24.81 30.27 -9.25
N VAL A 89 24.89 31.39 -9.94
CA VAL A 89 25.79 31.57 -11.07
C VAL A 89 26.93 32.46 -10.59
N ALA A 90 28.16 32.06 -10.86
CA ALA A 90 29.32 32.88 -10.52
C ALA A 90 30.08 33.21 -11.79
N LEU A 91 30.54 34.46 -11.89
CA LEU A 91 31.39 34.90 -12.98
C LEU A 91 32.77 35.18 -12.40
N CYS A 92 33.79 34.58 -13.01
CA CYS A 92 35.14 34.62 -12.46
C CYS A 92 36.12 35.19 -13.48
N ASN A 93 37.12 35.94 -12.99
CA ASN A 93 38.29 36.28 -13.78
C ASN A 93 39.50 36.24 -12.84
N ALA A 94 40.64 36.68 -13.34
CA ALA A 94 41.86 36.61 -12.54
C ALA A 94 41.75 37.42 -11.25
N ASP A 95 40.89 38.45 -11.23
CA ASP A 95 40.74 39.34 -10.08
C ASP A 95 39.70 38.88 -9.07
N GLY A 96 38.92 37.85 -9.35
CA GLY A 96 37.99 37.35 -8.37
C GLY A 96 36.78 36.72 -9.02
N CYS A 97 35.95 36.10 -8.17
CA CYS A 97 34.67 35.53 -8.56
C CYS A 97 33.55 36.32 -7.91
N THR A 98 32.47 36.53 -8.66
CA THR A 98 31.31 37.26 -8.18
C THR A 98 30.09 36.39 -8.36
N ALA A 99 29.41 36.07 -7.26
CA ALA A 99 28.31 35.11 -7.27
C ALA A 99 26.97 35.83 -7.22
N SER A 100 26.02 35.33 -8.00
CA SER A 100 24.65 35.81 -7.95
C SER A 100 24.05 35.54 -6.57
N ASP A 101 22.92 36.20 -6.30
CA ASP A 101 22.06 35.72 -5.23
C ASP A 101 21.61 34.30 -5.56
N ALA A 102 21.24 33.55 -4.52
CA ALA A 102 20.86 32.17 -4.72
C ALA A 102 19.41 32.07 -5.19
N THR A 103 19.15 31.12 -6.08
CA THR A 103 17.82 30.72 -6.50
C THR A 103 17.65 29.25 -6.14
N GLU A 104 16.58 28.91 -5.43
CA GLU A 104 16.36 27.51 -5.10
C GLU A 104 15.91 26.74 -6.32
N ILE A 105 16.48 25.57 -6.53
CA ILE A 105 15.97 24.64 -7.53
C ILE A 105 15.56 23.36 -6.83
N VAL A 106 14.63 22.66 -7.47
CA VAL A 106 14.06 21.42 -6.95
C VAL A 106 14.41 20.31 -7.92
N VAL A 107 15.04 19.25 -7.42
CA VAL A 107 15.33 18.08 -8.22
C VAL A 107 14.52 16.94 -7.63
N ALA A 108 13.49 16.51 -8.35
CA ALA A 108 12.58 15.52 -7.80
C ALA A 108 13.13 14.11 -7.99
N ASP A 109 12.83 13.24 -7.03
CA ASP A 109 13.11 11.82 -7.17
C ASP A 109 12.02 11.08 -6.38
N THR A 110 11.88 9.78 -6.66
CA THR A 110 10.74 9.06 -6.14
C THR A 110 10.93 8.57 -4.70
N ASP A 111 12.02 8.96 -4.04
CA ASP A 111 12.06 8.80 -2.60
C ASP A 111 11.36 9.95 -1.87
N GLY A 112 10.89 10.97 -2.59
CA GLY A 112 10.27 12.10 -1.96
C GLY A 112 11.23 13.12 -1.39
N SER A 113 12.50 13.05 -1.77
CA SER A 113 13.52 13.94 -1.21
C SER A 113 13.26 15.41 -1.56
N HIS A 114 12.44 15.69 -2.56
CA HIS A 114 12.07 17.05 -2.94
C HIS A 114 10.84 17.57 -2.21
N LEU A 115 10.15 16.73 -1.44
CA LEU A 115 8.83 17.06 -0.92
C LEU A 115 8.91 17.46 0.54
N ALA A 116 8.09 18.44 0.93
CA ALA A 116 7.86 18.69 2.33
C ALA A 116 7.12 17.50 2.96
N PRO A 117 7.38 17.21 4.23
CA PRO A 117 6.74 16.04 4.85
C PRO A 117 5.24 16.24 4.95
N LEU A 118 4.50 15.18 4.66
CA LEU A 118 3.05 15.17 4.80
C LEU A 118 2.76 14.72 6.22
N LYS A 119 2.60 15.68 7.14
N LYS A 119 2.67 15.70 7.13
CA LYS A 119 2.36 15.40 8.55
CA LYS A 119 2.33 15.49 8.54
C LYS A 119 1.00 16.01 8.91
C LYS A 119 0.94 16.08 8.75
N GLU A 120 -0.08 15.24 8.66
CA GLU A 120 -1.42 15.74 8.82
C GLU A 120 -2.00 15.36 10.17
N PRO A 121 -2.89 16.18 10.72
CA PRO A 121 -3.52 15.84 12.00
C PRO A 121 -4.38 14.60 11.88
N LEU A 122 -4.50 13.88 13.00
CA LEU A 122 -5.39 12.74 13.06
C LEU A 122 -6.84 13.20 12.93
N LEU A 123 -7.64 12.43 12.22
CA LEU A 123 -9.03 12.77 11.96
C LEU A 123 -9.95 11.81 12.70
N GLU A 124 -11.25 12.13 12.68
CA GLU A 124 -12.32 11.31 13.26
C GLU A 124 -11.93 10.94 14.69
N LYS A 125 -12.02 9.68 15.10
N LYS A 125 -12.02 9.68 15.10
CA LYS A 125 -11.75 9.26 16.47
CA LYS A 125 -11.75 9.25 16.46
C LYS A 125 -10.32 8.76 16.66
C LYS A 125 -10.31 8.77 16.66
N ASN A 126 -9.45 8.91 15.65
CA ASN A 126 -8.09 8.42 15.76
C ASN A 126 -7.34 9.19 16.84
N LYS A 127 -6.60 8.46 17.68
CA LYS A 127 -5.80 9.01 18.76
C LYS A 127 -4.34 8.60 18.59
N PRO A 128 -3.39 9.43 19.03
CA PRO A 128 -1.98 9.15 18.72
C PRO A 128 -1.39 8.04 19.59
N TYR A 129 -0.68 7.13 18.93
CA TYR A 129 0.05 6.07 19.62
C TYR A 129 1.50 6.06 19.14
N LYS A 130 2.40 5.66 20.04
CA LYS A 130 3.79 5.46 19.67
C LYS A 130 3.99 4.00 19.27
N GLN A 131 4.84 3.76 18.27
CA GLN A 131 5.10 2.39 17.82
C GLN A 131 6.27 1.84 18.63
N ASN A 132 6.00 1.47 19.88
CA ASN A 132 7.06 0.98 20.77
C ASN A 132 6.79 -0.42 21.31
N SER A 133 5.74 -1.10 20.86
CA SER A 133 5.52 -2.48 21.28
C SER A 133 6.44 -3.47 20.58
N GLY A 134 7.06 -3.10 19.47
CA GLY A 134 7.74 -4.08 18.65
C GLY A 134 6.84 -5.00 17.86
N LYS A 135 5.54 -4.72 17.80
CA LYS A 135 4.62 -5.56 17.05
C LYS A 135 4.21 -4.86 15.76
N VAL A 136 3.86 -5.67 14.76
CA VAL A 136 3.33 -5.12 13.52
C VAL A 136 1.97 -4.50 13.79
N VAL A 137 1.75 -3.30 13.25
CA VAL A 137 0.43 -2.68 13.17
C VAL A 137 0.26 -2.26 11.71
N GLY A 138 -0.51 -3.03 10.94
CA GLY A 138 -0.61 -2.77 9.52
C GLY A 138 -1.99 -2.47 9.00
N SER A 139 -2.06 -1.83 7.83
CA SER A 139 -3.36 -1.64 7.19
C SER A 139 -3.14 -1.47 5.69
N TYR A 140 -4.15 -1.88 4.92
CA TYR A 140 -4.17 -1.71 3.47
C TYR A 140 -4.95 -0.44 3.12
N PHE A 141 -4.41 0.33 2.18
CA PHE A 141 -5.05 1.49 1.57
C PHE A 141 -5.31 1.13 0.11
N VAL A 142 -6.56 1.32 -0.37
CA VAL A 142 -6.91 0.91 -1.74
C VAL A 142 -6.82 2.10 -2.69
N GLU A 143 -6.25 1.83 -3.87
CA GLU A 143 -5.95 2.88 -4.85
C GLU A 143 -7.21 3.65 -5.25
N TRP A 144 -8.33 2.95 -5.42
CA TRP A 144 -9.58 3.53 -5.87
C TRP A 144 -10.37 4.22 -4.76
N GLY A 145 -9.90 4.15 -3.51
CA GLY A 145 -10.59 4.80 -2.41
C GLY A 145 -10.63 6.32 -2.49
N VAL A 146 -9.83 6.92 -3.38
CA VAL A 146 -9.80 8.37 -3.54
C VAL A 146 -10.98 8.90 -4.32
N TYR A 147 -11.80 8.02 -4.90
CA TYR A 147 -12.95 8.46 -5.68
C TYR A 147 -14.15 8.59 -4.78
N GLY A 148 -15.12 7.67 -4.90
CA GLY A 148 -16.35 7.78 -4.12
C GLY A 148 -16.11 7.83 -2.62
N ARG A 149 -15.21 6.98 -2.10
CA ARG A 149 -14.93 6.97 -0.68
C ARG A 149 -14.20 8.24 -0.23
N ASN A 150 -13.60 8.97 -1.17
CA ASN A 150 -12.89 10.22 -0.87
C ASN A 150 -11.84 10.06 0.22
N PHE A 151 -11.20 8.90 0.30
CA PHE A 151 -10.22 8.65 1.36
C PHE A 151 -8.84 8.66 0.73
N THR A 152 -8.13 9.75 0.96
CA THR A 152 -6.82 9.99 0.35
C THR A 152 -5.71 9.74 1.37
N VAL A 153 -4.47 9.76 0.89
CA VAL A 153 -3.31 9.39 1.71
C VAL A 153 -3.14 10.34 2.89
N ASP A 154 -3.49 11.62 2.70
CA ASP A 154 -3.39 12.56 3.81
C ASP A 154 -4.38 12.26 4.94
N LYS A 155 -5.35 11.37 4.72
CA LYS A 155 -6.28 10.96 5.76
C LYS A 155 -5.82 9.70 6.50
N ILE A 156 -4.75 9.07 6.05
CA ILE A 156 -4.23 7.88 6.76
C ILE A 156 -3.68 8.30 8.12
N PRO A 157 -4.10 7.65 9.22
CA PRO A 157 -3.47 7.92 10.53
C PRO A 157 -2.10 7.26 10.64
N ALA A 158 -1.13 7.82 9.89
CA ALA A 158 0.10 7.12 9.58
C ALA A 158 0.98 6.87 10.79
N GLN A 159 0.97 7.77 11.78
CA GLN A 159 1.80 7.54 12.96
C GLN A 159 1.35 6.31 13.75
N ASN A 160 0.13 5.81 13.52
CA ASN A 160 -0.42 4.67 14.24
C ASN A 160 -0.22 3.36 13.49
N LEU A 161 0.67 3.33 12.51
CA LEU A 161 0.97 2.12 11.75
C LEU A 161 2.48 1.89 11.76
N THR A 162 2.86 0.61 11.68
CA THR A 162 4.21 0.23 11.28
C THR A 162 4.29 -0.10 9.80
N HIS A 163 3.17 -0.57 9.21
CA HIS A 163 3.15 -1.03 7.84
C HIS A 163 1.92 -0.47 7.15
N LEU A 164 2.12 0.14 5.99
CA LEU A 164 1.05 0.64 5.14
C LEU A 164 1.15 -0.08 3.80
N LEU A 165 0.13 -0.86 3.46
CA LEU A 165 0.14 -1.63 2.24
C LEU A 165 -0.75 -0.98 1.20
N TYR A 166 -0.26 -0.90 -0.03
CA TYR A 166 -0.95 -0.21 -1.12
C TYR A 166 -1.57 -1.25 -2.05
N GLY A 167 -2.90 -1.34 -2.04
CA GLY A 167 -3.62 -2.27 -2.89
C GLY A 167 -4.30 -1.54 -4.05
N PHE A 168 -4.08 -2.03 -5.27
CA PHE A 168 -3.23 -3.19 -5.57
C PHE A 168 -2.50 -2.94 -6.87
N ILE A 169 -1.30 -3.49 -6.97
CA ILE A 169 -0.48 -3.42 -8.17
C ILE A 169 -0.87 -4.60 -9.07
N PRO A 170 -1.24 -4.35 -10.32
CA PRO A 170 -1.65 -5.45 -11.21
C PRO A 170 -0.44 -6.07 -11.90
N ILE A 171 -0.68 -7.25 -12.48
CA ILE A 171 0.26 -7.94 -13.35
C ILE A 171 -0.31 -7.90 -14.77
N CYS A 172 0.48 -7.41 -15.72
CA CYS A 172 -0.03 -7.23 -17.09
C CYS A 172 -0.50 -8.55 -17.69
N GLY A 173 -1.56 -8.46 -18.50
CA GLY A 173 -2.03 -9.62 -19.23
C GLY A 173 -3.47 -9.45 -19.70
N GLY A 174 -3.77 -9.87 -20.92
CA GLY A 174 -5.11 -9.74 -21.45
C GLY A 174 -5.93 -11.00 -21.27
N ASN A 175 -6.53 -11.50 -22.36
CA ASN A 175 -7.45 -12.63 -22.28
C ASN A 175 -6.75 -13.86 -21.71
N GLY A 176 -7.44 -14.54 -20.80
CA GLY A 176 -6.92 -15.72 -20.14
C GLY A 176 -5.99 -15.44 -18.99
N ILE A 177 -5.50 -14.20 -18.84
CA ILE A 177 -4.53 -13.85 -17.81
C ILE A 177 -5.13 -12.99 -16.71
N ASN A 178 -6.06 -12.09 -17.05
CA ASN A 178 -6.74 -11.26 -16.07
C ASN A 178 -8.25 -11.28 -16.29
N ASP A 179 -8.81 -12.46 -16.58
CA ASP A 179 -10.24 -12.56 -16.85
C ASP A 179 -11.08 -12.13 -15.65
N SER A 180 -10.56 -12.28 -14.43
CA SER A 180 -11.32 -11.86 -13.26
C SER A 180 -11.64 -10.36 -13.30
N LEU A 181 -10.81 -9.56 -13.97
N LEU A 181 -10.82 -9.56 -13.99
CA LEU A 181 -11.07 -8.12 -14.05
CA LEU A 181 -11.05 -8.12 -14.08
C LEU A 181 -12.31 -7.80 -14.86
C LEU A 181 -12.31 -7.80 -14.87
N LYS A 182 -12.70 -8.69 -15.78
CA LYS A 182 -13.84 -8.42 -16.65
C LYS A 182 -15.15 -8.30 -15.87
N GLU A 183 -15.19 -8.77 -14.63
CA GLU A 183 -16.38 -8.65 -13.81
C GLU A 183 -16.59 -7.24 -13.26
N ILE A 184 -15.63 -6.34 -13.47
CA ILE A 184 -15.73 -4.95 -13.03
C ILE A 184 -15.75 -4.08 -14.26
N GLU A 185 -16.80 -3.27 -14.41
CA GLU A 185 -17.00 -2.50 -15.64
C GLU A 185 -15.80 -1.61 -15.91
N GLY A 186 -15.24 -1.74 -17.12
CA GLY A 186 -14.13 -0.93 -17.57
C GLY A 186 -12.77 -1.31 -17.02
N SER A 187 -12.71 -2.20 -16.02
CA SER A 187 -11.46 -2.42 -15.32
C SER A 187 -10.46 -3.24 -16.14
N PHE A 188 -10.92 -4.31 -16.79
CA PHE A 188 -10.06 -5.07 -17.69
C PHE A 188 -9.48 -4.16 -18.78
N GLN A 189 -10.34 -3.35 -19.40
CA GLN A 189 -9.88 -2.47 -20.46
C GLN A 189 -8.88 -1.44 -19.94
N ALA A 190 -9.08 -0.97 -18.71
CA ALA A 190 -8.14 0.00 -18.15
C ALA A 190 -6.75 -0.63 -18.02
N LEU A 191 -6.69 -1.88 -17.57
CA LEU A 191 -5.39 -2.54 -17.44
C LEU A 191 -4.74 -2.73 -18.80
N GLN A 192 -5.52 -3.10 -19.83
CA GLN A 192 -4.93 -3.30 -21.15
C GLN A 192 -4.34 -2.01 -21.68
N ARG A 193 -4.97 -0.88 -21.38
CA ARG A 193 -4.43 0.40 -21.81
C ARG A 193 -3.16 0.72 -21.05
N SER A 194 -3.13 0.47 -19.75
CA SER A 194 -1.91 0.71 -18.98
C SER A 194 -0.76 -0.17 -19.48
N CYS A 195 -1.07 -1.40 -19.89
CA CYS A 195 -0.07 -2.37 -20.28
C CYS A 195 0.20 -2.42 -21.77
N GLN A 196 -0.29 -1.44 -22.55
CA GLN A 196 -0.04 -1.46 -23.99
C GLN A 196 1.46 -1.40 -24.27
N GLY A 197 1.93 -2.30 -25.14
CA GLY A 197 3.35 -2.41 -25.45
C GLY A 197 4.18 -3.06 -24.38
N ARG A 198 3.57 -3.56 -23.30
CA ARG A 198 4.26 -4.10 -22.14
C ARG A 198 4.01 -5.61 -22.07
N GLU A 199 5.08 -6.38 -21.82
CA GLU A 199 4.96 -7.84 -21.83
C GLU A 199 4.02 -8.34 -20.74
N ASP A 200 3.24 -9.37 -21.08
CA ASP A 200 2.52 -10.15 -20.08
C ASP A 200 3.44 -10.50 -18.92
N PHE A 201 2.88 -10.46 -17.72
CA PHE A 201 3.49 -10.91 -16.46
C PHE A 201 4.51 -9.94 -15.89
N LYS A 202 4.61 -8.72 -16.43
CA LYS A 202 5.30 -7.63 -15.74
C LYS A 202 4.28 -6.81 -14.95
N VAL A 203 4.72 -6.21 -13.84
CA VAL A 203 3.78 -5.38 -13.07
C VAL A 203 3.54 -4.05 -13.81
N SER A 204 2.45 -3.41 -13.44
CA SER A 204 2.12 -2.09 -13.97
C SER A 204 1.35 -1.33 -12.90
N ILE A 205 0.68 -0.26 -13.29
CA ILE A 205 -0.19 0.50 -12.39
C ILE A 205 -1.59 0.46 -13.00
N HIS A 206 -2.57 0.07 -12.20
CA HIS A 206 -3.91 -0.16 -12.74
C HIS A 206 -4.60 1.15 -13.09
N ASP A 207 -4.49 2.15 -12.20
CA ASP A 207 -5.14 3.45 -12.38
C ASP A 207 -4.07 4.53 -12.26
N PRO A 208 -3.34 4.81 -13.35
CA PRO A 208 -2.27 5.82 -13.28
C PRO A 208 -2.77 7.20 -12.90
N PHE A 209 -4.03 7.53 -13.19
CA PHE A 209 -4.53 8.83 -12.76
C PHE A 209 -4.57 8.93 -11.25
N ALA A 210 -5.23 7.98 -10.60
CA ALA A 210 -5.28 7.97 -9.15
C ALA A 210 -3.88 7.85 -8.54
N ALA A 211 -3.03 7.02 -9.12
CA ALA A 211 -1.73 6.73 -8.50
C ALA A 211 -0.76 7.88 -8.63
N LEU A 212 -0.83 8.65 -9.72
CA LEU A 212 0.25 9.58 -10.04
C LEU A 212 -0.21 10.98 -10.46
N GLN A 213 -1.44 11.18 -10.90
CA GLN A 213 -1.77 12.45 -11.54
C GLN A 213 -2.88 13.25 -10.89
N LYS A 214 -3.73 12.63 -10.07
CA LYS A 214 -4.81 13.36 -9.43
C LYS A 214 -4.23 14.32 -8.41
N ALA A 215 -4.65 15.59 -8.48
CA ALA A 215 -4.18 16.57 -7.50
C ALA A 215 -4.61 16.16 -6.10
N GLN A 216 -3.68 16.26 -5.16
CA GLN A 216 -3.92 15.93 -3.75
C GLN A 216 -3.12 16.87 -2.87
N LYS A 217 -3.51 16.94 -1.60
CA LYS A 217 -2.86 17.84 -0.65
C LYS A 217 -1.34 17.67 -0.67
N GLY A 218 -0.64 18.79 -0.88
CA GLY A 218 0.81 18.79 -0.94
C GLY A 218 1.39 18.54 -2.30
N VAL A 219 0.61 18.06 -3.26
CA VAL A 219 1.10 17.82 -4.62
C VAL A 219 0.03 18.33 -5.58
N THR A 220 -0.20 19.65 -5.57
CA THR A 220 -1.22 20.27 -6.41
C THR A 220 -0.65 21.13 -7.53
N ALA A 221 0.62 21.53 -7.46
CA ALA A 221 1.19 22.39 -8.48
C ALA A 221 1.34 21.64 -9.79
N TRP A 222 1.02 22.31 -10.89
CA TRP A 222 0.99 21.63 -12.19
C TRP A 222 2.32 20.95 -12.51
N ASP A 223 3.44 21.55 -12.13
CA ASP A 223 4.73 20.96 -12.44
C ASP A 223 5.30 20.12 -11.30
N ASP A 224 4.51 19.79 -10.30
CA ASP A 224 4.88 18.72 -9.36
C ASP A 224 4.91 17.41 -10.13
N PRO A 225 6.06 16.74 -10.25
CA PRO A 225 6.11 15.59 -11.16
C PRO A 225 5.32 14.39 -10.66
N TYR A 226 5.23 14.16 -9.35
CA TYR A 226 4.51 13.02 -8.79
C TYR A 226 3.34 13.54 -7.96
N LYS A 227 2.12 13.30 -8.44
CA LYS A 227 0.92 13.64 -7.67
C LYS A 227 0.23 12.34 -7.25
N GLY A 228 -1.09 12.42 -7.02
CA GLY A 228 -1.85 11.23 -6.71
C GLY A 228 -1.39 10.51 -5.46
N ASN A 229 -1.68 9.21 -5.42
CA ASN A 229 -1.34 8.43 -4.23
C ASN A 229 0.16 8.32 -4.04
N PHE A 230 0.91 8.13 -5.13
CA PHE A 230 2.35 7.90 -5.01
C PHE A 230 3.06 9.16 -4.54
N GLY A 231 2.68 10.33 -5.08
CA GLY A 231 3.28 11.58 -4.62
C GLY A 231 3.04 11.81 -3.14
N GLN A 232 1.80 11.60 -2.69
CA GLN A 232 1.49 11.74 -1.28
C GLN A 232 2.21 10.69 -0.44
N LEU A 233 2.34 9.47 -0.96
CA LEU A 233 3.06 8.45 -0.19
C LEU A 233 4.53 8.82 -0.05
N MET A 234 5.12 9.42 -1.09
CA MET A 234 6.49 9.92 -0.98
C MET A 234 6.61 10.95 0.12
N ALA A 235 5.68 11.90 0.15
CA ALA A 235 5.71 12.92 1.20
C ALA A 235 5.47 12.30 2.56
N LEU A 236 4.64 11.26 2.62
CA LEU A 236 4.39 10.56 3.88
C LEU A 236 5.66 9.90 4.39
N LYS A 237 6.45 9.31 3.49
CA LYS A 237 7.74 8.73 3.86
C LYS A 237 8.66 9.79 4.44
N GLN A 238 8.63 11.02 3.91
CA GLN A 238 9.44 12.09 4.48
C GLN A 238 9.01 12.39 5.91
N ALA A 239 7.70 12.32 6.19
CA ALA A 239 7.22 12.56 7.54
C ALA A 239 7.47 11.37 8.47
N HIS A 240 7.49 10.15 7.92
CA HIS A 240 7.57 8.92 8.71
C HIS A 240 8.60 7.99 8.08
N PRO A 241 9.89 8.29 8.23
CA PRO A 241 10.91 7.46 7.57
C PRO A 241 10.95 6.01 8.05
N ASP A 242 10.39 5.73 9.22
CA ASP A 242 10.35 4.36 9.73
C ASP A 242 9.09 3.61 9.31
N LEU A 243 8.12 4.29 8.70
CA LEU A 243 6.94 3.59 8.20
C LEU A 243 7.34 2.74 7.00
N LYS A 244 6.94 1.46 7.00
CA LYS A 244 7.18 0.59 5.85
C LYS A 244 5.99 0.70 4.91
N ILE A 245 6.24 1.12 3.69
CA ILE A 245 5.20 1.26 2.68
C ILE A 245 5.45 0.18 1.63
N LEU A 246 4.53 -0.78 1.53
CA LEU A 246 4.71 -1.92 0.66
C LEU A 246 3.66 -1.92 -0.44
N PRO A 247 4.07 -2.11 -1.69
CA PRO A 247 3.07 -2.32 -2.76
C PRO A 247 2.53 -3.75 -2.65
N SER A 248 1.21 -3.90 -2.73
CA SER A 248 0.61 -5.23 -2.67
C SER A 248 0.17 -5.64 -4.06
N ILE A 249 0.73 -6.75 -4.55
CA ILE A 249 0.47 -7.27 -5.88
C ILE A 249 -0.61 -8.34 -5.79
N GLY A 250 -1.72 -8.14 -6.49
CA GLY A 250 -2.77 -9.13 -6.48
C GLY A 250 -4.05 -8.65 -5.84
N GLY A 251 -4.50 -9.34 -4.79
CA GLY A 251 -5.84 -9.15 -4.30
C GLY A 251 -6.86 -9.98 -5.07
N TRP A 252 -8.12 -9.79 -4.71
CA TRP A 252 -9.18 -10.66 -5.19
C TRP A 252 -9.23 -10.73 -6.72
N THR A 253 -9.21 -9.57 -7.40
N THR A 253 -9.22 -9.58 -7.38
CA THR A 253 -9.45 -9.54 -8.84
CA THR A 253 -9.44 -9.54 -8.82
C THR A 253 -8.20 -9.41 -9.69
C THR A 253 -8.16 -9.65 -9.64
N LEU A 254 -7.02 -9.21 -9.09
CA LEU A 254 -5.78 -9.14 -9.84
C LEU A 254 -4.86 -10.33 -9.57
N SER A 255 -5.40 -11.42 -9.04
CA SER A 255 -4.56 -12.56 -8.71
C SER A 255 -4.41 -13.57 -9.84
N ASP A 256 -5.24 -13.52 -10.89
CA ASP A 256 -5.19 -14.56 -11.92
C ASP A 256 -3.78 -14.82 -12.46
N PRO A 257 -2.93 -13.82 -12.73
CA PRO A 257 -1.62 -14.12 -13.35
C PRO A 257 -0.71 -15.02 -12.51
N PHE A 258 -0.84 -15.02 -11.17
CA PHE A 258 -0.01 -15.89 -10.35
C PHE A 258 -0.14 -17.36 -10.76
N PHE A 259 -1.33 -17.74 -11.23
CA PHE A 259 -1.60 -19.13 -11.58
C PHE A 259 -0.79 -19.63 -12.78
N PHE A 260 -0.08 -18.75 -13.48
CA PHE A 260 0.75 -19.15 -14.61
C PHE A 260 2.23 -19.20 -14.27
N MET A 261 2.62 -18.85 -13.04
N MET A 261 2.60 -18.85 -13.03
CA MET A 261 4.03 -18.67 -12.73
CA MET A 261 3.99 -18.66 -12.67
C MET A 261 4.73 -19.98 -12.38
C MET A 261 4.74 -19.97 -12.41
N GLY A 262 4.07 -21.12 -12.55
CA GLY A 262 4.80 -22.37 -12.61
C GLY A 262 5.75 -22.40 -13.79
N ASP A 263 5.46 -21.64 -14.84
CA ASP A 263 6.40 -21.43 -15.93
C ASP A 263 7.47 -20.45 -15.45
N LYS A 264 8.70 -20.94 -15.25
CA LYS A 264 9.75 -20.09 -14.69
C LYS A 264 10.10 -18.94 -15.62
N VAL A 265 9.87 -19.09 -16.92
CA VAL A 265 10.08 -17.95 -17.84
C VAL A 265 9.20 -16.78 -17.41
N LYS A 266 7.92 -17.05 -17.14
CA LYS A 266 7.01 -16.00 -16.66
C LYS A 266 7.39 -15.53 -15.26
N ARG A 267 7.72 -16.45 -14.36
CA ARG A 267 8.06 -16.09 -12.99
C ARG A 267 9.28 -15.20 -12.94
N ASP A 268 10.32 -15.55 -13.71
CA ASP A 268 11.52 -14.72 -13.81
C ASP A 268 11.17 -13.33 -14.34
N ARG A 269 10.32 -13.25 -15.37
CA ARG A 269 9.94 -11.94 -15.90
C ARG A 269 9.24 -11.11 -14.83
N PHE A 270 8.34 -11.73 -14.06
CA PHE A 270 7.62 -11.04 -13.00
C PHE A 270 8.57 -10.50 -11.95
N VAL A 271 9.45 -11.37 -11.41
CA VAL A 271 10.37 -10.95 -10.36
C VAL A 271 11.25 -9.79 -10.84
N GLY A 272 11.76 -9.88 -12.08
CA GLY A 272 12.55 -8.78 -12.61
C GLY A 272 11.76 -7.49 -12.73
N SER A 273 10.48 -7.60 -13.09
CA SER A 273 9.65 -6.40 -13.16
C SER A 273 9.40 -5.81 -11.78
N VAL A 274 9.34 -6.66 -10.73
CA VAL A 274 9.19 -6.14 -9.38
C VAL A 274 10.43 -5.37 -8.97
N LYS A 275 11.62 -5.92 -9.25
N LYS A 275 11.62 -5.92 -9.27
CA LYS A 275 12.86 -5.18 -8.97
CA LYS A 275 12.86 -5.20 -8.97
C LYS A 275 12.86 -3.84 -9.68
C LYS A 275 12.88 -3.84 -9.68
N GLU A 276 12.49 -3.82 -10.96
CA GLU A 276 12.45 -2.57 -11.69
C GLU A 276 11.44 -1.59 -11.09
N PHE A 277 10.29 -2.11 -10.65
CA PHE A 277 9.28 -1.29 -9.99
C PHE A 277 9.86 -0.63 -8.74
N LEU A 278 10.60 -1.41 -7.93
CA LEU A 278 11.16 -0.86 -6.69
C LEU A 278 12.32 0.09 -6.98
N GLN A 279 13.06 -0.12 -8.07
CA GLN A 279 14.09 0.84 -8.48
C GLN A 279 13.47 2.11 -9.05
N THR A 280 12.25 2.01 -9.58
CA THR A 280 11.57 3.19 -10.10
C THR A 280 10.90 3.99 -8.99
N TRP A 281 10.23 3.32 -8.06
CA TRP A 281 9.40 3.94 -7.02
C TRP A 281 10.12 3.69 -5.69
N LYS A 282 11.03 4.61 -5.36
CA LYS A 282 11.98 4.39 -4.26
C LYS A 282 11.35 4.51 -2.89
N PHE A 283 10.16 5.10 -2.77
CA PHE A 283 9.50 5.18 -1.47
C PHE A 283 8.96 3.83 -1.00
N PHE A 284 8.85 2.83 -1.87
CA PHE A 284 8.36 1.52 -1.47
C PHE A 284 9.48 0.73 -0.78
N ASP A 285 9.11 -0.05 0.23
CA ASP A 285 10.07 -0.74 1.11
C ASP A 285 10.10 -2.24 0.92
N GLY A 286 9.60 -2.75 -0.20
CA GLY A 286 9.55 -4.20 -0.37
C GLY A 286 8.36 -4.57 -1.23
N VAL A 287 7.80 -5.76 -1.01
CA VAL A 287 6.64 -6.18 -1.78
C VAL A 287 5.78 -7.11 -0.94
N ASP A 288 4.47 -6.93 -1.06
CA ASP A 288 3.47 -7.85 -0.50
C ASP A 288 2.86 -8.66 -1.64
N ILE A 289 2.80 -9.98 -1.46
CA ILE A 289 2.20 -10.87 -2.44
C ILE A 289 0.83 -11.29 -1.92
N ALA A 290 -0.22 -10.75 -2.54
CA ALA A 290 -1.60 -11.08 -2.15
C ALA A 290 -2.21 -12.00 -3.20
N TRP A 291 -1.63 -13.19 -3.35
CA TRP A 291 -2.12 -14.18 -4.30
C TRP A 291 -3.32 -14.88 -3.67
N GLU A 292 -4.50 -14.69 -4.26
N GLU A 292 -4.50 -14.72 -4.25
CA GLU A 292 -5.75 -15.27 -3.77
CA GLU A 292 -5.71 -15.33 -3.71
C GLU A 292 -6.32 -16.23 -4.81
C GLU A 292 -6.34 -16.24 -4.76
N PHE A 293 -6.07 -17.54 -4.66
CA PHE A 293 -5.21 -18.14 -3.66
C PHE A 293 -4.48 -19.30 -4.35
N PRO A 294 -3.32 -19.72 -3.84
CA PRO A 294 -2.70 -20.95 -4.35
C PRO A 294 -3.68 -22.11 -4.25
N GLY A 295 -3.87 -22.82 -5.37
CA GLY A 295 -4.86 -23.88 -5.44
C GLY A 295 -6.23 -23.46 -5.94
N GLY A 296 -6.46 -22.17 -6.08
CA GLY A 296 -7.73 -21.69 -6.60
C GLY A 296 -8.68 -21.30 -5.49
N LYS A 297 -9.97 -21.35 -5.82
CA LYS A 297 -11.06 -20.91 -4.95
C LYS A 297 -10.99 -19.41 -4.68
N GLY A 298 -10.36 -18.65 -5.56
CA GLY A 298 -10.45 -17.21 -5.58
C GLY A 298 -11.52 -16.74 -6.53
N ALA A 299 -11.26 -15.60 -7.17
CA ALA A 299 -12.25 -15.00 -8.07
C ALA A 299 -12.52 -15.88 -9.28
N ASN A 300 -11.50 -16.58 -9.79
CA ASN A 300 -11.63 -17.29 -11.05
C ASN A 300 -11.91 -18.76 -10.80
N PRO A 301 -13.11 -19.27 -11.12
CA PRO A 301 -13.41 -20.70 -10.89
C PRO A 301 -12.68 -21.63 -11.83
N ASN A 302 -12.01 -21.10 -12.86
CA ASN A 302 -11.30 -21.93 -13.81
C ASN A 302 -9.79 -21.95 -13.57
N LEU A 303 -9.31 -21.40 -12.47
CA LEU A 303 -7.89 -21.39 -12.16
C LEU A 303 -7.64 -22.08 -10.83
N GLY A 304 -6.43 -22.60 -10.68
CA GLY A 304 -6.05 -23.33 -9.49
C GLY A 304 -5.47 -24.67 -9.86
N SER A 305 -4.30 -24.99 -9.33
CA SER A 305 -3.63 -26.23 -9.67
C SER A 305 -2.95 -26.79 -8.43
N PRO A 306 -2.80 -28.12 -8.35
CA PRO A 306 -2.02 -28.68 -7.23
C PRO A 306 -0.56 -28.25 -7.24
N GLN A 307 -0.07 -27.73 -8.37
CA GLN A 307 1.30 -27.21 -8.46
C GLN A 307 1.47 -25.87 -7.73
N ASP A 308 0.37 -25.21 -7.36
CA ASP A 308 0.46 -23.82 -6.91
C ASP A 308 1.28 -23.68 -5.64
N GLY A 309 1.18 -24.66 -4.72
CA GLY A 309 1.96 -24.58 -3.49
C GLY A 309 3.45 -24.54 -3.75
N GLU A 310 3.93 -25.37 -4.67
CA GLU A 310 5.34 -25.33 -5.04
C GLU A 310 5.69 -24.00 -5.69
N THR A 311 4.82 -23.52 -6.61
CA THR A 311 5.06 -22.24 -7.27
C THR A 311 5.20 -21.12 -6.24
N TYR A 312 4.33 -21.12 -5.24
CA TYR A 312 4.36 -20.10 -4.20
C TYR A 312 5.69 -20.08 -3.47
N VAL A 313 6.16 -21.25 -3.04
CA VAL A 313 7.43 -21.31 -2.31
C VAL A 313 8.57 -20.83 -3.19
N LEU A 314 8.59 -21.27 -4.46
CA LEU A 314 9.62 -20.83 -5.39
C LEU A 314 9.56 -19.32 -5.59
N LEU A 315 8.35 -18.78 -5.75
CA LEU A 315 8.20 -17.34 -5.93
C LEU A 315 8.74 -16.57 -4.73
N MET A 316 8.38 -16.98 -3.52
CA MET A 316 8.89 -16.28 -2.34
C MET A 316 10.41 -16.35 -2.27
N LYS A 317 10.99 -17.51 -2.59
N LYS A 317 10.99 -17.52 -2.58
CA LYS A 317 12.45 -17.63 -2.53
CA LYS A 317 12.44 -17.65 -2.54
C LYS A 317 13.12 -16.71 -3.55
C LYS A 317 13.11 -16.72 -3.55
N GLU A 318 12.59 -16.67 -4.77
CA GLU A 318 13.23 -15.84 -5.81
C GLU A 318 12.97 -14.36 -5.55
N LEU A 319 11.81 -14.02 -4.99
CA LEU A 319 11.58 -12.63 -4.60
C LEU A 319 12.55 -12.23 -3.50
N ARG A 320 12.76 -13.10 -2.52
N ARG A 320 12.75 -13.10 -2.51
CA ARG A 320 13.70 -12.80 -1.44
CA ARG A 320 13.71 -12.81 -1.45
C ARG A 320 15.11 -12.59 -1.98
C ARG A 320 15.11 -12.57 -2.00
N ALA A 321 15.54 -13.43 -2.94
CA ALA A 321 16.87 -13.29 -3.50
C ALA A 321 17.00 -11.97 -4.25
N MET A 322 15.97 -11.61 -5.02
CA MET A 322 15.99 -10.31 -5.68
C MET A 322 16.03 -9.17 -4.65
N LEU A 323 15.24 -9.27 -3.58
CA LEU A 323 15.21 -8.19 -2.60
C LEU A 323 16.52 -8.10 -1.83
N ASP A 324 17.14 -9.25 -1.53
CA ASP A 324 18.44 -9.24 -0.85
C ASP A 324 19.48 -8.55 -1.71
N GLN A 325 19.45 -8.79 -3.02
CA GLN A 325 20.39 -8.11 -3.91
C GLN A 325 20.09 -6.62 -3.99
N LEU A 326 18.82 -6.26 -4.11
CA LEU A 326 18.46 -4.84 -4.05
C LEU A 326 18.90 -4.21 -2.73
N SER A 327 18.77 -4.96 -1.63
CA SER A 327 19.13 -4.45 -0.31
C SER A 327 20.61 -4.08 -0.24
N VAL A 328 21.48 -4.97 -0.70
CA VAL A 328 22.91 -4.66 -0.61
C VAL A 328 23.35 -3.67 -1.68
N GLU A 329 22.60 -3.55 -2.79
CA GLU A 329 22.94 -2.51 -3.76
C GLU A 329 22.59 -1.13 -3.22
N THR A 330 21.57 -1.03 -2.36
CA THR A 330 21.10 0.26 -1.89
C THR A 330 21.48 0.57 -0.44
N GLY A 331 21.89 -0.42 0.33
CA GLY A 331 22.04 -0.22 1.77
C GLY A 331 20.73 -0.20 2.54
N ARG A 332 19.61 -0.51 1.90
CA ARG A 332 18.32 -0.46 2.55
C ARG A 332 17.86 -1.85 2.91
N LYS A 333 16.98 -1.93 3.92
CA LYS A 333 16.33 -3.18 4.23
C LYS A 333 15.02 -3.23 3.46
N TYR A 334 14.77 -4.36 2.80
CA TYR A 334 13.53 -4.57 2.04
C TYR A 334 12.78 -5.72 2.65
N GLU A 335 11.46 -5.61 2.71
CA GLU A 335 10.62 -6.64 3.31
C GLU A 335 9.83 -7.40 2.25
N LEU A 336 9.61 -8.68 2.52
CA LEU A 336 8.75 -9.54 1.70
C LEU A 336 7.63 -10.07 2.58
N THR A 337 6.39 -9.78 2.18
CA THR A 337 5.22 -10.21 2.94
C THR A 337 4.20 -10.86 2.02
N SER A 338 3.19 -11.47 2.61
CA SER A 338 2.13 -12.06 1.82
C SER A 338 0.84 -12.10 2.63
N ALA A 339 -0.26 -11.79 1.97
CA ALA A 339 -1.60 -11.95 2.53
C ALA A 339 -2.13 -13.33 2.12
N ILE A 340 -2.54 -14.13 3.10
CA ILE A 340 -2.89 -15.52 2.84
C ILE A 340 -4.28 -15.85 3.43
N SER A 341 -4.90 -16.87 2.84
CA SER A 341 -6.16 -17.37 3.39
C SER A 341 -5.94 -17.91 4.80
N ALA A 342 -6.94 -17.71 5.66
CA ALA A 342 -6.90 -18.20 7.03
C ALA A 342 -7.60 -19.55 7.22
N GLY A 343 -8.15 -20.13 6.15
CA GLY A 343 -8.79 -21.43 6.26
C GLY A 343 -7.76 -22.54 6.28
N LYS A 344 -7.95 -23.50 7.19
CA LYS A 344 -6.96 -24.57 7.33
C LYS A 344 -6.80 -25.36 6.03
N ASP A 345 -7.91 -25.62 5.34
N ASP A 345 -7.90 -25.59 5.30
CA ASP A 345 -7.86 -26.34 4.07
CA ASP A 345 -7.80 -26.38 4.08
C ASP A 345 -6.99 -25.61 3.06
C ASP A 345 -7.07 -25.62 2.98
N MET A 346 -7.09 -24.28 3.02
CA MET A 346 -6.30 -23.50 2.08
C MET A 346 -4.85 -23.42 2.53
N ILE A 347 -4.63 -23.23 3.82
CA ILE A 347 -3.27 -23.09 4.36
C ILE A 347 -2.46 -24.34 4.07
N ASP A 348 -3.09 -25.51 4.14
CA ASP A 348 -2.34 -26.75 3.98
C ASP A 348 -2.05 -27.09 2.52
N LYS A 349 -2.42 -26.22 1.58
CA LYS A 349 -1.96 -26.35 0.20
C LYS A 349 -0.55 -25.79 0.00
N VAL A 350 0.01 -25.13 1.02
CA VAL A 350 1.29 -24.43 0.90
C VAL A 350 2.16 -24.83 2.08
N ALA A 351 3.45 -25.00 1.82
CA ALA A 351 4.43 -25.34 2.87
C ALA A 351 5.00 -24.04 3.43
N TYR A 352 4.19 -23.39 4.28
CA TYR A 352 4.63 -22.15 4.90
C TYR A 352 5.80 -22.34 5.85
N ASN A 353 5.99 -23.54 6.38
CA ASN A 353 7.18 -23.76 7.22
C ASN A 353 8.45 -23.58 6.41
N VAL A 354 8.40 -23.80 5.11
CA VAL A 354 9.53 -23.53 4.21
C VAL A 354 9.51 -22.08 3.73
N ALA A 355 8.34 -21.62 3.27
CA ALA A 355 8.24 -20.27 2.71
C ALA A 355 8.57 -19.21 3.74
N GLN A 356 8.31 -19.48 5.02
CA GLN A 356 8.53 -18.47 6.06
C GLN A 356 9.97 -18.00 6.11
N ASN A 357 10.92 -18.83 5.69
CA ASN A 357 12.33 -18.44 5.72
C ASN A 357 12.63 -17.33 4.72
N SER A 358 11.75 -17.11 3.74
CA SER A 358 11.90 -16.01 2.80
C SER A 358 11.12 -14.77 3.21
N MET A 359 10.23 -14.85 4.20
CA MET A 359 9.21 -13.85 4.42
C MET A 359 9.42 -13.15 5.76
N ASP A 360 9.24 -11.83 5.74
CA ASP A 360 9.27 -11.04 6.97
C ASP A 360 7.97 -11.18 7.76
N HIS A 361 6.83 -11.19 7.08
CA HIS A 361 5.53 -11.22 7.75
C HIS A 361 4.53 -12.00 6.91
N ILE A 362 3.68 -12.74 7.59
CA ILE A 362 2.53 -13.41 6.99
C ILE A 362 1.29 -12.67 7.48
N PHE A 363 0.56 -12.06 6.55
CA PHE A 363 -0.69 -11.36 6.89
C PHE A 363 -1.82 -12.37 6.80
N LEU A 364 -2.24 -12.88 7.94
CA LEU A 364 -3.27 -13.93 8.01
C LEU A 364 -4.65 -13.29 7.84
N MET A 365 -5.32 -13.58 6.74
CA MET A 365 -6.59 -12.94 6.44
C MET A 365 -7.72 -13.59 7.25
N SER A 366 -7.64 -13.38 8.56
CA SER A 366 -8.62 -13.94 9.49
C SER A 366 -9.88 -13.05 9.52
N TYR A 367 -10.51 -12.96 8.35
CA TYR A 367 -11.78 -12.28 8.16
C TYR A 367 -12.44 -12.88 6.93
N ASP A 368 -13.64 -12.37 6.60
CA ASP A 368 -14.46 -12.90 5.51
C ASP A 368 -14.79 -14.39 5.71
N PHE A 369 -14.83 -14.85 6.97
CA PHE A 369 -15.15 -16.25 7.22
C PHE A 369 -16.56 -16.60 6.79
N TYR A 370 -17.48 -15.64 6.94
CA TYR A 370 -18.86 -15.80 6.53
C TYR A 370 -19.29 -14.53 5.82
N GLY A 371 -20.34 -14.64 5.03
CA GLY A 371 -20.83 -13.49 4.31
C GLY A 371 -22.00 -13.85 3.44
N ALA A 372 -22.47 -12.85 2.70
CA ALA A 372 -23.70 -12.96 1.92
C ALA A 372 -23.58 -13.88 0.72
N ALA A 373 -22.41 -14.45 0.44
CA ALA A 373 -22.31 -15.43 -0.63
C ALA A 373 -22.98 -16.75 -0.26
N ASP A 374 -23.14 -17.01 1.04
CA ASP A 374 -23.83 -18.19 1.56
C ASP A 374 -24.96 -17.69 2.45
N LEU A 375 -26.20 -17.93 2.02
CA LEU A 375 -27.37 -17.45 2.75
C LEU A 375 -27.92 -18.46 3.74
N LYS A 376 -27.39 -19.68 3.77
CA LYS A 376 -27.88 -20.73 4.65
C LYS A 376 -27.00 -20.97 5.86
N ASN A 377 -25.68 -20.82 5.73
CA ASN A 377 -24.75 -21.02 6.83
C ASN A 377 -24.23 -19.65 7.27
N LEU A 378 -24.79 -19.13 8.35
CA LEU A 378 -24.41 -17.84 8.90
C LEU A 378 -23.43 -18.03 10.06
N GLY A 379 -22.53 -17.05 10.23
CA GLY A 379 -21.55 -17.11 11.30
C GLY A 379 -20.81 -15.80 11.42
N HIS A 380 -19.92 -15.75 12.42
CA HIS A 380 -19.07 -14.57 12.64
C HIS A 380 -17.97 -14.53 11.57
N GLN A 381 -17.85 -13.37 10.89
CA GLN A 381 -16.94 -13.29 9.76
C GLN A 381 -15.48 -13.14 10.17
N THR A 382 -15.19 -12.76 11.43
CA THR A 382 -13.80 -12.50 11.80
C THR A 382 -13.52 -12.85 13.26
N ALA A 383 -14.30 -13.78 13.83
CA ALA A 383 -14.19 -14.12 15.25
C ALA A 383 -12.84 -14.76 15.59
N LEU A 384 -12.46 -14.61 16.86
CA LEU A 384 -11.28 -15.31 17.36
C LEU A 384 -11.55 -16.80 17.50
N ASN A 385 -12.69 -17.17 18.09
CA ASN A 385 -13.00 -18.57 18.40
C ASN A 385 -14.35 -18.96 17.80
N ALA A 386 -14.68 -20.24 17.97
CA ALA A 386 -16.01 -20.71 17.60
C ALA A 386 -17.04 -20.21 18.60
N PRO A 387 -18.28 -20.01 18.19
CA PRO A 387 -19.33 -19.62 19.12
C PRO A 387 -19.83 -20.82 19.91
N ALA A 388 -20.62 -20.54 20.94
CA ALA A 388 -21.09 -21.62 21.82
C ALA A 388 -22.12 -22.50 21.12
N TRP A 389 -22.85 -21.96 20.15
CA TRP A 389 -23.86 -22.75 19.45
C TRP A 389 -23.29 -23.63 18.35
N LYS A 390 -22.00 -23.53 18.06
CA LYS A 390 -21.37 -24.38 17.05
C LYS A 390 -19.88 -24.46 17.33
N PRO A 391 -19.47 -25.15 18.39
CA PRO A 391 -18.05 -25.17 18.77
C PRO A 391 -17.14 -25.85 17.76
N ASP A 392 -17.68 -26.55 16.77
CA ASP A 392 -16.87 -27.16 15.73
C ASP A 392 -16.71 -26.26 14.51
N THR A 393 -17.01 -24.97 14.64
CA THR A 393 -16.88 -24.04 13.53
C THR A 393 -15.47 -24.10 12.94
N ALA A 394 -15.39 -24.31 11.62
CA ALA A 394 -14.10 -24.50 10.97
C ALA A 394 -13.32 -23.20 10.89
N TYR A 395 -13.98 -22.14 10.42
CA TYR A 395 -13.29 -20.91 10.03
C TYR A 395 -13.30 -19.92 11.19
N THR A 396 -12.22 -19.96 11.97
CA THR A 396 -11.98 -19.01 13.04
C THR A 396 -10.53 -18.54 12.95
N THR A 397 -10.25 -17.42 13.61
CA THR A 397 -8.87 -16.92 13.64
C THR A 397 -7.93 -17.96 14.24
N VAL A 398 -8.30 -18.53 15.39
CA VAL A 398 -7.41 -19.44 16.11
C VAL A 398 -7.09 -20.67 15.25
N ASN A 399 -8.09 -21.19 14.54
CA ASN A 399 -7.85 -22.37 13.70
C ASN A 399 -6.89 -22.07 12.56
N GLY A 400 -6.95 -20.85 12.01
CA GLY A 400 -5.96 -20.45 11.02
C GLY A 400 -4.57 -20.36 11.59
N VAL A 401 -4.43 -19.68 12.73
CA VAL A 401 -3.13 -19.60 13.41
C VAL A 401 -2.62 -21.01 13.73
N ASN A 402 -3.50 -21.87 14.24
CA ASN A 402 -3.07 -23.21 14.63
C ASN A 402 -2.62 -24.01 13.43
N ALA A 403 -3.29 -23.83 12.29
CA ALA A 403 -2.86 -24.52 11.07
C ALA A 403 -1.44 -24.12 10.69
N LEU A 404 -1.13 -22.83 10.76
CA LEU A 404 0.23 -22.38 10.48
C LEU A 404 1.22 -22.95 11.49
N LEU A 405 0.90 -22.84 12.77
CA LEU A 405 1.84 -23.31 13.80
C LEU A 405 2.07 -24.82 13.67
N ALA A 406 1.04 -25.56 13.29
CA ALA A 406 1.16 -27.01 13.13
C ALA A 406 2.13 -27.37 12.02
N GLN A 407 2.22 -26.53 10.98
CA GLN A 407 3.20 -26.75 9.93
C GLN A 407 4.62 -26.54 10.41
N GLY A 408 4.80 -25.80 11.50
CA GLY A 408 6.10 -25.36 11.92
C GLY A 408 6.39 -23.90 11.71
N VAL A 409 5.38 -23.09 11.34
CA VAL A 409 5.62 -21.66 11.19
C VAL A 409 5.94 -21.05 12.55
N LYS A 410 6.97 -20.22 12.60
CA LYS A 410 7.29 -19.52 13.83
C LYS A 410 6.19 -18.53 14.17
N PRO A 411 5.76 -18.45 15.42
CA PRO A 411 4.62 -17.57 15.76
C PRO A 411 4.89 -16.11 15.45
N GLY A 412 6.13 -15.64 15.63
CA GLY A 412 6.45 -14.24 15.38
C GLY A 412 6.26 -13.80 13.93
N LYS A 413 6.12 -14.75 13.00
CA LYS A 413 5.86 -14.43 11.60
C LYS A 413 4.41 -14.05 11.35
N ILE A 414 3.50 -14.41 12.24
CA ILE A 414 2.07 -14.44 11.95
C ILE A 414 1.42 -13.15 12.42
N VAL A 415 0.84 -12.39 11.50
CA VAL A 415 0.14 -11.14 11.79
C VAL A 415 -1.35 -11.40 11.63
N VAL A 416 -2.10 -11.21 12.72
CA VAL A 416 -3.52 -11.55 12.76
C VAL A 416 -4.34 -10.42 12.14
N GLY A 417 -5.36 -10.78 11.37
CA GLY A 417 -6.17 -9.80 10.66
C GLY A 417 -7.40 -9.37 11.44
N THR A 418 -7.69 -8.07 11.36
CA THR A 418 -8.93 -7.49 11.86
C THR A 418 -9.69 -6.87 10.69
N ALA A 419 -11.01 -6.77 10.83
CA ALA A 419 -11.86 -6.21 9.80
C ALA A 419 -12.32 -4.82 10.21
N MET A 420 -12.15 -3.85 9.31
CA MET A 420 -12.71 -2.53 9.48
C MET A 420 -14.05 -2.38 8.78
N TYR A 421 -14.74 -3.50 8.56
CA TYR A 421 -16.03 -3.51 7.89
C TYR A 421 -16.82 -4.69 8.42
N GLY A 422 -18.13 -4.62 8.23
CA GLY A 422 -19.00 -5.75 8.50
C GLY A 422 -19.44 -6.43 7.22
N ARG A 423 -19.79 -7.70 7.36
CA ARG A 423 -20.50 -8.43 6.34
C ARG A 423 -21.87 -8.80 6.90
N GLY A 424 -22.86 -8.93 6.03
CA GLY A 424 -24.18 -9.18 6.60
C GLY A 424 -25.21 -9.61 5.58
N TRP A 425 -26.35 -10.00 6.14
CA TRP A 425 -27.47 -10.56 5.40
C TRP A 425 -28.72 -9.75 5.71
N THR A 426 -29.73 -9.94 4.86
CA THR A 426 -31.06 -9.40 5.12
C THR A 426 -32.06 -10.54 5.19
N GLY A 427 -33.20 -10.27 5.83
CA GLY A 427 -34.27 -11.26 5.91
C GLY A 427 -33.92 -12.50 6.69
N VAL A 428 -33.04 -12.38 7.69
CA VAL A 428 -32.72 -13.54 8.51
C VAL A 428 -33.95 -13.98 9.28
N ASN A 429 -34.16 -15.29 9.34
CA ASN A 429 -35.41 -15.85 9.85
C ASN A 429 -35.18 -17.30 10.23
N GLY A 430 -36.10 -17.84 11.00
CA GLY A 430 -36.03 -19.25 11.37
C GLY A 430 -34.88 -19.56 12.29
N TYR A 431 -34.56 -18.65 13.21
CA TYR A 431 -33.48 -18.84 14.16
C TYR A 431 -34.05 -19.16 15.54
N GLN A 432 -33.25 -19.85 16.35
CA GLN A 432 -33.68 -20.38 17.63
C GLN A 432 -32.93 -19.68 18.76
N ASN A 433 -33.65 -19.48 19.87
CA ASN A 433 -33.06 -19.08 21.15
C ASN A 433 -32.40 -17.71 21.06
N ASN A 434 -33.00 -16.81 20.28
CA ASN A 434 -32.54 -15.43 20.13
C ASN A 434 -31.10 -15.35 19.60
N ILE A 435 -30.70 -16.32 18.80
CA ILE A 435 -29.41 -16.32 18.12
C ILE A 435 -29.66 -16.27 16.61
N PRO A 436 -29.55 -15.09 15.99
CA PRO A 436 -29.91 -14.98 14.57
C PRO A 436 -29.05 -15.84 13.65
N PHE A 437 -27.82 -16.17 14.07
CA PHE A 437 -26.93 -16.96 13.22
C PHE A 437 -27.44 -18.38 12.97
N THR A 438 -28.33 -18.90 13.82
CA THR A 438 -28.87 -20.24 13.63
C THR A 438 -30.00 -20.27 12.61
N GLY A 439 -30.36 -19.13 12.03
CA GLY A 439 -31.38 -19.06 11.00
C GLY A 439 -30.79 -19.13 9.61
N THR A 440 -31.54 -18.58 8.65
CA THR A 440 -31.13 -18.48 7.26
C THR A 440 -31.58 -17.13 6.72
N ALA A 441 -30.91 -16.69 5.67
CA ALA A 441 -31.12 -15.36 5.11
C ALA A 441 -31.80 -15.45 3.75
N THR A 442 -32.34 -14.31 3.32
CA THR A 442 -32.93 -14.19 1.99
C THR A 442 -32.08 -13.39 1.01
N GLY A 443 -31.05 -12.70 1.49
CA GLY A 443 -30.22 -11.90 0.63
C GLY A 443 -29.13 -11.19 1.41
N PRO A 444 -28.36 -10.33 0.74
CA PRO A 444 -27.32 -9.58 1.43
C PRO A 444 -27.89 -8.37 2.14
N VAL A 445 -27.19 -7.94 3.17
CA VAL A 445 -27.51 -6.64 3.76
C VAL A 445 -27.17 -5.54 2.77
N LYS A 446 -27.91 -4.44 2.82
CA LYS A 446 -27.57 -3.29 2.00
C LYS A 446 -26.21 -2.75 2.43
N GLY A 447 -25.33 -2.53 1.46
CA GLY A 447 -23.96 -2.17 1.74
C GLY A 447 -23.71 -0.67 1.64
N THR A 448 -22.56 -0.25 2.19
CA THR A 448 -22.13 1.13 2.05
C THR A 448 -21.78 1.43 0.59
N TRP A 449 -21.00 0.55 -0.04
CA TRP A 449 -20.55 0.72 -1.41
C TRP A 449 -20.91 -0.49 -2.28
N GLU A 450 -20.94 -1.67 -1.68
CA GLU A 450 -21.28 -2.90 -2.38
C GLU A 450 -22.17 -3.74 -1.48
N ASN A 451 -23.03 -4.54 -2.11
CA ASN A 451 -23.94 -5.41 -1.39
C ASN A 451 -23.18 -6.31 -0.40
N GLY A 452 -23.74 -6.43 0.80
CA GLY A 452 -23.25 -7.37 1.77
C GLY A 452 -22.08 -6.92 2.61
N ILE A 453 -21.59 -5.69 2.41
CA ILE A 453 -20.41 -5.17 3.11
C ILE A 453 -20.72 -3.76 3.61
N VAL A 454 -20.41 -3.50 4.89
CA VAL A 454 -20.71 -2.22 5.52
C VAL A 454 -19.44 -1.71 6.18
N ASP A 455 -19.04 -0.48 5.83
CA ASP A 455 -17.93 0.19 6.52
C ASP A 455 -18.20 0.20 8.01
N TYR A 456 -17.15 -0.07 8.80
CA TYR A 456 -17.32 0.03 10.26
C TYR A 456 -17.78 1.43 10.65
N ARG A 457 -17.28 2.45 9.95
CA ARG A 457 -17.72 3.82 10.23
C ARG A 457 -19.24 3.93 10.21
N GLN A 458 -19.88 3.28 9.23
CA GLN A 458 -21.34 3.30 9.14
C GLN A 458 -22.02 2.40 10.16
N ILE A 459 -21.41 1.26 10.49
CA ILE A 459 -21.96 0.44 11.58
C ILE A 459 -22.02 1.27 12.86
N ALA A 460 -20.90 1.89 13.22
CA ALA A 460 -20.87 2.71 14.42
C ALA A 460 -21.78 3.93 14.31
N GLY A 461 -21.90 4.48 13.10
CA GLY A 461 -22.63 5.73 12.94
C GLY A 461 -24.12 5.57 12.78
N GLN A 462 -24.58 4.43 12.29
CA GLN A 462 -25.99 4.28 11.95
C GLN A 462 -26.67 3.08 12.58
N PHE A 463 -25.91 2.01 12.84
CA PHE A 463 -26.53 0.74 13.24
C PHE A 463 -26.25 0.40 14.71
N MET A 464 -25.93 1.40 15.51
CA MET A 464 -25.82 1.28 16.96
C MET A 464 -26.81 2.21 17.64
N SER A 465 -28.02 2.29 17.07
CA SER A 465 -29.12 3.04 17.67
C SER A 465 -30.42 2.52 17.08
N GLY A 466 -31.53 3.08 17.55
CA GLY A 466 -32.83 2.69 17.03
C GLY A 466 -33.18 1.25 17.39
N GLU A 467 -33.65 0.50 16.39
CA GLU A 467 -34.13 -0.86 16.59
C GLU A 467 -33.00 -1.88 16.65
N TRP A 468 -31.78 -1.50 16.28
CA TRP A 468 -30.69 -2.44 16.17
C TRP A 468 -30.30 -3.01 17.53
N GLN A 469 -30.32 -4.33 17.66
CA GLN A 469 -29.73 -4.97 18.81
C GLN A 469 -28.21 -4.98 18.66
N TYR A 470 -27.52 -4.96 19.79
CA TYR A 470 -26.06 -5.14 19.80
C TYR A 470 -25.74 -6.26 20.79
N THR A 471 -24.90 -7.20 20.36
CA THR A 471 -24.50 -8.30 21.21
C THR A 471 -23.01 -8.54 21.03
N TYR A 472 -22.28 -8.69 22.12
CA TYR A 472 -20.90 -9.13 22.08
C TYR A 472 -20.85 -10.59 22.51
N ASP A 473 -20.53 -11.46 21.57
CA ASP A 473 -20.33 -12.89 21.85
C ASP A 473 -18.95 -13.05 22.48
N ALA A 474 -18.92 -13.28 23.79
CA ALA A 474 -17.64 -13.38 24.50
C ALA A 474 -16.97 -14.73 24.34
N THR A 475 -17.70 -15.76 23.91
CA THR A 475 -17.06 -17.03 23.61
C THR A 475 -16.28 -16.94 22.31
N ALA A 476 -16.92 -16.47 21.24
CA ALA A 476 -16.24 -16.28 19.97
C ALA A 476 -15.32 -15.06 19.98
N GLU A 477 -15.60 -14.06 20.83
CA GLU A 477 -14.99 -12.72 20.77
C GLU A 477 -15.38 -12.03 19.46
N ALA A 478 -16.65 -11.66 19.39
CA ALA A 478 -17.23 -11.14 18.16
C ALA A 478 -18.52 -10.38 18.42
N PRO A 479 -18.61 -9.12 18.00
CA PRO A 479 -19.85 -8.36 18.12
C PRO A 479 -20.73 -8.58 16.90
N TYR A 480 -22.02 -8.36 17.09
CA TYR A 480 -22.93 -8.35 15.96
C TYR A 480 -24.15 -7.50 16.27
N VAL A 481 -24.72 -6.92 15.22
CA VAL A 481 -25.94 -6.12 15.34
C VAL A 481 -27.03 -6.76 14.51
N PHE A 482 -28.25 -6.66 15.01
CA PHE A 482 -29.39 -7.33 14.39
C PHE A 482 -30.60 -6.42 14.43
N LYS A 483 -31.25 -6.26 13.28
CA LYS A 483 -32.50 -5.51 13.19
C LYS A 483 -33.64 -6.52 13.00
N PRO A 484 -34.44 -6.79 14.03
CA PRO A 484 -35.42 -7.89 13.93
C PRO A 484 -36.52 -7.64 12.91
N SER A 485 -36.96 -6.39 12.73
CA SER A 485 -38.08 -6.14 11.82
C SER A 485 -37.74 -6.57 10.40
N THR A 486 -36.51 -6.31 9.95
CA THR A 486 -36.09 -6.63 8.59
C THR A 486 -35.18 -7.85 8.52
N GLY A 487 -34.72 -8.38 9.65
CA GLY A 487 -33.80 -9.49 9.62
C GLY A 487 -32.42 -9.13 9.13
N ASP A 488 -32.03 -7.86 9.25
CA ASP A 488 -30.68 -7.47 8.89
C ASP A 488 -29.72 -7.85 10.00
N LEU A 489 -28.67 -8.59 9.64
CA LEU A 489 -27.68 -9.12 10.57
C LEU A 489 -26.30 -8.80 10.04
N ILE A 490 -25.46 -8.13 10.84
CA ILE A 490 -24.12 -7.71 10.43
C ILE A 490 -23.10 -8.22 11.43
N THR A 491 -22.07 -8.89 10.91
CA THR A 491 -20.93 -9.39 11.70
C THR A 491 -19.67 -8.58 11.39
N PHE A 492 -18.93 -8.20 12.42
CA PHE A 492 -17.86 -7.23 12.26
C PHE A 492 -16.92 -7.34 13.47
N ASP A 493 -15.84 -6.55 13.44
CA ASP A 493 -14.93 -6.37 14.56
C ASP A 493 -15.24 -5.04 15.25
N ASP A 494 -15.15 -5.00 16.57
CA ASP A 494 -15.22 -3.72 17.26
C ASP A 494 -14.04 -3.58 18.21
N ALA A 495 -14.02 -2.51 19.02
CA ALA A 495 -12.85 -2.25 19.86
C ALA A 495 -12.54 -3.42 20.77
N ARG A 496 -13.58 -4.09 21.29
CA ARG A 496 -13.37 -5.19 22.23
C ARG A 496 -12.84 -6.44 21.54
N SER A 497 -13.45 -6.83 20.41
CA SER A 497 -12.96 -8.02 19.71
C SER A 497 -11.54 -7.81 19.21
N VAL A 498 -11.23 -6.59 18.76
CA VAL A 498 -9.85 -6.29 18.40
C VAL A 498 -8.94 -6.40 19.62
N GLN A 499 -9.41 -5.94 20.78
N GLN A 499 -9.41 -5.94 20.79
CA GLN A 499 -8.65 -6.08 22.01
CA GLN A 499 -8.62 -6.09 22.00
C GLN A 499 -8.36 -7.55 22.32
C GLN A 499 -8.35 -7.56 22.32
N ALA A 500 -9.36 -8.43 22.12
CA ALA A 500 -9.13 -9.85 22.33
C ALA A 500 -8.09 -10.39 21.37
N LYS A 501 -8.12 -9.96 20.10
CA LYS A 501 -7.09 -10.38 19.16
C LYS A 501 -5.72 -9.90 19.56
N GLY A 502 -5.61 -8.64 20.01
CA GLY A 502 -4.31 -8.11 20.40
C GLY A 502 -3.74 -8.83 21.61
N LYS A 503 -4.57 -9.06 22.62
CA LYS A 503 -4.13 -9.83 23.79
C LYS A 503 -3.72 -11.24 23.37
N TYR A 504 -4.47 -11.85 22.46
CA TYR A 504 -4.14 -13.17 21.96
C TYR A 504 -2.80 -13.16 21.23
N VAL A 505 -2.52 -12.09 20.49
CA VAL A 505 -1.24 -11.96 19.80
C VAL A 505 -0.10 -11.89 20.80
N LEU A 506 -0.27 -11.09 21.86
CA LEU A 506 0.78 -10.98 22.88
C LEU A 506 0.96 -12.30 23.64
N ASP A 507 -0.14 -12.95 24.01
N ASP A 507 -0.14 -12.96 24.00
CA ASP A 507 -0.05 -14.20 24.77
CA ASP A 507 -0.03 -14.20 24.78
C ASP A 507 0.63 -15.30 23.97
C ASP A 507 0.61 -15.32 23.97
N LYS A 508 0.30 -15.41 22.68
CA LYS A 508 0.87 -16.43 21.82
C LYS A 508 2.14 -15.99 21.11
N GLN A 509 2.63 -14.78 21.41
CA GLN A 509 3.87 -14.26 20.84
C GLN A 509 3.83 -14.24 19.31
N LEU A 510 2.67 -13.85 18.78
CA LEU A 510 2.51 -13.67 17.34
C LEU A 510 3.09 -12.32 16.92
N GLY A 511 2.97 -12.00 15.64
CA GLY A 511 3.71 -10.87 15.10
C GLY A 511 3.03 -9.52 15.23
N GLY A 512 1.71 -9.49 15.33
CA GLY A 512 1.00 -8.23 15.44
C GLY A 512 -0.37 -8.33 14.80
N LEU A 513 -0.91 -7.18 14.40
CA LEU A 513 -2.23 -7.09 13.80
C LEU A 513 -2.17 -6.26 12.53
N PHE A 514 -3.09 -6.56 11.60
CA PHE A 514 -3.25 -5.76 10.39
C PHE A 514 -4.73 -5.73 10.03
N SER A 515 -5.12 -4.76 9.20
CA SER A 515 -6.52 -4.58 8.84
C SER A 515 -6.66 -4.32 7.35
N ALA A 516 -7.91 -4.49 6.91
N ALA A 516 -7.81 -4.69 6.79
CA ALA A 516 -8.44 -4.03 5.63
CA ALA A 516 -7.87 -4.85 5.33
C ALA A 516 -9.85 -3.50 5.87
C ALA A 516 -8.12 -3.56 4.58
N MET A 517 -10.19 -2.36 5.24
N MET A 517 -8.79 -2.58 5.16
CA MET A 517 -9.27 -1.43 4.61
CA MET A 517 -9.13 -1.36 4.41
C MET A 517 -9.27 -0.15 5.44
C MET A 517 -9.22 -0.21 5.39
N ILE A 518 -8.18 0.62 5.39
CA ILE A 518 -8.03 1.72 6.34
C ILE A 518 -9.12 2.77 6.17
N ASP A 519 -9.65 2.93 4.95
CA ASP A 519 -10.65 3.97 4.72
C ASP A 519 -11.95 3.74 5.48
N ALA A 520 -12.24 2.51 5.89
CA ALA A 520 -13.54 2.18 6.47
C ALA A 520 -13.60 2.35 7.98
N ASP A 521 -12.47 2.58 8.64
CA ASP A 521 -12.41 2.80 10.08
C ASP A 521 -12.82 4.24 10.40
N ASN A 522 -13.41 4.44 11.58
CA ASN A 522 -13.56 5.79 12.11
C ASN A 522 -12.47 6.12 13.12
N GLY A 523 -11.57 5.19 13.39
CA GLY A 523 -10.53 5.34 14.40
C GLY A 523 -10.61 4.30 15.50
N ASP A 524 -11.82 3.82 15.82
CA ASP A 524 -12.01 2.85 16.90
C ASP A 524 -11.14 1.62 16.70
N ILE A 525 -11.13 1.08 15.48
CA ILE A 525 -10.44 -0.20 15.24
C ILE A 525 -8.93 -0.02 15.33
N LEU A 526 -8.37 0.96 14.64
CA LEU A 526 -6.93 1.16 14.70
C LEU A 526 -6.47 1.58 16.09
N ASN A 527 -7.28 2.38 16.79
CA ASN A 527 -6.97 2.72 18.18
C ASN A 527 -6.82 1.46 19.03
N SER A 528 -7.77 0.53 18.88
CA SER A 528 -7.74 -0.69 19.67
C SER A 528 -6.59 -1.60 19.25
N MET A 529 -6.29 -1.66 17.95
CA MET A 529 -5.14 -2.45 17.49
C MET A 529 -3.86 -2.00 18.20
N ASN A 530 -3.66 -0.68 18.24
CA ASN A 530 -2.47 -0.11 18.90
C ASN A 530 -2.48 -0.37 20.40
N ALA A 531 -3.59 -0.05 21.06
CA ALA A 531 -3.67 -0.18 22.51
C ALA A 531 -3.51 -1.64 22.93
N SER A 532 -4.21 -2.56 22.25
CA SER A 532 -4.19 -3.96 22.68
C SER A 532 -2.83 -4.62 22.48
N LEU A 533 -1.98 -4.07 21.62
CA LEU A 533 -0.64 -4.61 21.42
C LEU A 533 0.38 -3.99 22.36
N GLY A 534 -0.05 -3.05 23.20
CA GLY A 534 0.81 -2.44 24.19
C GLY A 534 1.50 -1.19 23.73
N ASN A 535 1.12 -0.63 22.58
CA ASN A 535 1.68 0.65 22.17
C ASN A 535 1.24 1.75 23.15
N SER A 536 2.19 2.60 23.51
CA SER A 536 1.93 3.69 24.44
C SER A 536 1.21 4.84 23.75
N ALA A 537 0.28 5.45 24.48
CA ALA A 537 -0.40 6.64 23.97
C ALA A 537 0.59 7.79 23.83
N GLY A 538 0.29 8.70 22.93
CA GLY A 538 1.09 9.90 22.73
C GLY A 538 1.89 9.84 21.44
N VAL A 539 2.76 10.82 21.27
CA VAL A 539 3.62 10.93 20.10
C VAL A 539 5.07 10.83 20.54
N GLN A 540 5.87 10.11 19.76
CA GLN A 540 7.30 9.99 20.04
C GLN A 540 8.09 11.01 19.21
C1 NAG B . -14.45 -14.51 0.42
C1 NAG B . -14.05 -6.79 -5.17
C2 NAG B . -13.33 -13.53 0.07
C2 NAG B . -15.05 -5.66 -5.36
C3 NAG B . -13.95 -12.29 -0.57
C3 NAG B . -14.42 -4.39 -5.92
C4 NAG B . -14.88 -12.67 -1.72
C4 NAG B . -12.92 -4.17 -5.74
C5 NAG B . -15.83 -13.79 -1.33
C5 NAG B . -12.17 -5.48 -5.54
C6 NAG B . -16.66 -14.26 -2.52
C6 NAG B . -10.73 -5.27 -5.05
C7 NAG B . -11.34 -13.38 1.52
C7 NAG B . -17.01 -5.26 -6.85
C8 NAG B . -10.97 -14.82 1.73
C8 NAG B . -18.39 -5.27 -6.27
N2 NAG B . -12.62 -13.11 1.26
N2 NAG B . -16.13 -6.08 -6.25
O1 NAG B . -13.91 -15.67 1.07
O1 NAG B . -14.63 -7.76 -4.29
O3 NAG B . -12.87 -11.46 -1.04
O3 NAG B . -15.10 -3.26 -5.34
O4 NAG B . -15.70 -11.55 -2.08
O4 NAG B . -12.45 -3.52 -6.93
O5 NAG B . -15.10 -14.89 -0.78
O5 NAG B . -12.86 -6.28 -4.60
O6 NAG B . -17.45 -15.39 -2.12
O6 NAG B . -9.98 -6.47 -5.23
O7 NAG B . -10.51 -12.49 1.59
O7 NAG B . -16.73 -4.57 -7.82
C1 NAG B . -15.06 -10.68 -3.02
C1 NAG B . -12.63 -2.10 -7.00
C2 NAG B . -16.08 -9.99 -3.93
C2 NAG B . -12.02 -1.62 -8.31
C3 NAG B . -15.34 -8.99 -4.84
C3 NAG B . -12.24 -0.12 -8.53
C4 NAG B . -14.36 -8.11 -4.08
C4 NAG B . -13.70 0.24 -8.38
C5 NAG B . -13.51 -8.91 -3.10
C5 NAG B . -14.26 -0.33 -7.08
C6 NAG B . -12.63 -8.04 -2.21
C6 NAG B . -15.77 -0.10 -6.99
C7 NAG B . -17.93 -11.53 -4.50
C7 NAG B . -10.14 -2.77 -9.25
C8 NAG B . -18.74 -10.95 -3.38
C8 NAG B . -10.86 -2.70 -10.57
N2 NAG B . -16.77 -10.95 -4.79
N2 NAG B . -10.60 -1.93 -8.34
O3 NAG B . -16.29 -8.19 -5.55
O3 NAG B . -11.81 0.20 -9.85
O4 NAG B . -13.48 -7.45 -5.01
O4 NAG B . -13.84 1.67 -8.37
O5 NAG B . -14.34 -9.71 -2.28
O5 NAG B . -14.02 -1.75 -7.03
O6 NAG B . -11.99 -8.87 -1.25
O6 NAG B . -16.18 -0.16 -5.62
O7 NAG B . -18.33 -12.50 -5.14
O7 NAG B . -9.23 -3.55 -9.05
C1 NAG B . -13.69 -6.10 -5.02
C1 NAG B . -14.07 2.82 -9.09
C2 NAG B . -12.45 -5.46 -5.64
C2 NAG B . -14.55 4.25 -8.82
C3 NAG B . -12.63 -3.97 -5.86
C3 NAG B . -14.61 5.03 -10.11
C4 NAG B . -13.96 -3.64 -6.51
C4 NAG B . -13.22 5.07 -10.71
C5 NAG B . -15.10 -4.40 -5.83
C5 NAG B . -12.73 3.62 -10.92
C6 NAG B . -16.44 -4.13 -6.50
C6 NAG B . -11.31 3.60 -11.44
C7 NAG B . -10.22 -6.28 -5.17
C7 NAG B . -16.02 4.81 -6.99
C8 NAG B . -8.99 -5.84 -4.47
C8 NAG B . -15.82 3.85 -5.86
N2 NAG B . -11.34 -5.69 -4.76
N2 NAG B . -15.86 4.28 -8.20
O3 NAG B . -11.56 -3.48 -6.68
O3 NAG B . -15.10 6.34 -9.78
O4 NAG B . -14.21 -2.25 -6.36
O4 NAG B . -13.17 5.80 -11.94
O5 NAG B . -14.82 -5.80 -5.84
O5 NAG B . -12.77 2.89 -9.70
O6 NAG B . -16.27 -4.10 -7.92
O6 NAG B . -10.84 2.25 -11.58
O7 NAG B . -10.19 -7.11 -6.06
O7 NAG B . -16.32 5.98 -6.82
C1 NAG B . -14.07 -1.51 -7.58
C1 NAG B . -12.97 7.21 -11.73
C2 NAG B . -14.44 -0.07 -7.28
C2 NAG B . -12.11 7.84 -12.82
C3 NAG B . -14.20 0.81 -8.49
C3 NAG B . -12.05 9.35 -12.65
C4 NAG B . -12.79 0.63 -9.03
C4 NAG B . -13.45 9.92 -12.62
C5 NAG B . -12.47 -0.86 -9.23
C5 NAG B . -14.26 9.24 -11.51
C6 NAG B . -11.02 -1.06 -9.63
C6 NAG B . -15.69 9.74 -11.49
C7 NAG B . -16.15 0.56 -5.69
C7 NAG B . -10.07 7.03 -13.86
C8 NAG B . -16.54 2.01 -5.73
C8 NAG B . -10.86 7.09 -15.13
N2 NAG B . -15.82 0.02 -6.87
N2 NAG B . -10.77 7.30 -12.75
O3 NAG B . -14.37 2.19 -8.11
O3 NAG B . -11.31 9.96 -13.72
O4 NAG B . -12.68 1.32 -10.28
O4 NAG B . -13.36 11.33 -12.39
O5 NAG B . -12.71 -1.57 -8.01
O5 NAG B . -14.26 7.83 -11.73
O6 NAG B . -10.55 -2.30 -9.07
O6 NAG B . -16.53 8.74 -10.90
O7 NAG B . -16.11 -0.08 -4.65
O7 NAG B . -8.88 6.74 -13.83
C1 GOL C . -17.47 -13.89 2.59
C1 GOL C . -16.50 -15.86 1.96
O1 GOL C . -16.89 -15.10 2.99
O1 GOL C . -16.28 -17.20 2.25
C2 GOL C . -18.46 -14.23 1.45
C2 GOL C . -18.01 -15.58 2.19
O2 GOL C . -19.51 -15.03 1.91
O2 GOL C . -18.80 -16.54 1.58
C3 GOL C . -18.96 -12.86 0.94
C3 GOL C . -18.24 -14.16 1.62
O3 GOL C . -18.95 -12.92 -0.45
O3 GOL C . -19.61 -13.98 1.46
C1 GOL D . -19.21 -21.09 4.60
C1 GOL D . -20.02 -20.98 4.56
O1 GOL D . -20.35 -21.25 3.80
O1 GOL D . -19.94 -21.88 5.62
C2 GOL D . -18.56 -19.73 4.19
C2 GOL D . -19.36 -19.65 5.03
O2 GOL D . -17.82 -19.82 3.01
O2 GOL D . -17.99 -19.79 5.23
C3 GOL D . -19.74 -18.74 4.07
C3 GOL D . -19.69 -18.61 3.92
O3 GOL D . -19.30 -17.64 3.32
O3 GOL D . -18.77 -18.80 2.89
C1 GOL E . -14.97 10.51 6.84
O1 GOL E . -16.17 10.57 6.10
C2 GOL E . -13.78 10.49 5.84
O2 GOL E . -13.46 11.75 5.36
C3 GOL E . -14.22 9.54 4.69
O3 GOL E . -13.46 9.93 3.57
C1 GOL F . 14.98 16.73 -15.39
C1 GOL F . 11.93 17.27 -16.01
O1 GOL F . 15.20 15.53 -16.15
O1 GOL F . 13.17 17.51 -15.38
C2 GOL F . 14.07 17.73 -16.15
C2 GOL F . 11.50 18.58 -16.73
O2 GOL F . 14.65 18.23 -17.32
O2 GOL F . 12.53 19.13 -17.49
C3 GOL F . 12.74 16.96 -16.41
C3 GOL F . 11.06 19.53 -15.61
O3 GOL F . 11.78 17.48 -15.54
O3 GOL F . 10.32 18.78 -14.68
C1 GOL G . 20.14 17.01 -1.70
O1 GOL G . 21.46 16.69 -1.35
C2 GOL G . 19.75 18.32 -0.97
O2 GOL G . 19.21 18.08 0.29
C3 GOL G . 21.05 19.18 -0.89
O3 GOL G . 20.66 20.51 -0.69
C1 GOL H . 14.89 33.96 -10.41
O1 GOL H . 15.94 33.09 -10.19
C2 GOL H . 14.83 34.93 -9.21
O2 GOL H . 14.78 34.24 -8.00
C3 GOL H . 16.08 35.81 -9.35
O3 GOL H . 16.29 36.00 -10.70
C1 GOL I . 8.32 16.22 -14.71
O1 GOL I . 8.71 15.12 -15.48
C2 GOL I . 7.21 16.95 -15.52
O2 GOL I . 6.18 16.11 -15.89
C3 GOL I . 6.73 18.10 -14.60
O3 GOL I . 5.68 18.71 -15.29
C1 GOL J . 0.48 -8.55 -26.90
O1 GOL J . 1.38 -8.64 -27.98
C2 GOL J . 1.28 -8.41 -25.58
O2 GOL J . 1.69 -9.64 -25.08
C3 GOL J . 0.34 -7.64 -24.62
O3 GOL J . 0.79 -6.31 -24.55
C1 GOL K . 9.18 2.04 -17.81
O1 GOL K . 7.95 2.70 -17.85
C2 GOL K . 9.15 1.14 -16.55
O2 GOL K . 9.44 -0.19 -16.86
C3 GOL K . 10.17 1.78 -15.59
O3 GOL K . 9.92 1.26 -14.33
C1 GOL L . 39.43 30.45 -13.82
O1 GOL L . 38.27 29.87 -13.30
C2 GOL L . 39.01 31.75 -14.56
O2 GOL L . 39.48 31.79 -15.87
C3 GOL L . 39.53 32.94 -13.67
O3 GOL L . 40.93 32.94 -13.76
C1 GOL M . 20.57 -11.00 5.34
O1 GOL M . 19.20 -11.25 5.23
C2 GOL M . 20.89 -9.68 4.56
O2 GOL M . 22.24 -9.58 4.25
C3 GOL M . 20.00 -9.72 3.29
O3 GOL M . 20.37 -8.61 2.51
C1 GOL N . 14.03 -13.53 5.57
O1 GOL N . 15.20 -12.77 5.69
C2 GOL N . 13.39 -13.64 6.99
O2 GOL N . 14.09 -14.50 7.83
C3 GOL N . 13.37 -12.18 7.53
O3 GOL N . 12.70 -12.20 8.75
C1 GOL O . -24.21 0.65 20.91
O1 GOL O . -24.99 -0.51 21.00
C2 GOL O . -23.03 0.51 21.90
O2 GOL O . -23.45 0.07 23.14
C3 GOL O . -22.06 -0.48 21.21
O3 GOL O . -20.86 -0.46 21.95
C1 GOL P . -37.66 -17.16 13.81
O1 GOL P . -36.90 -17.69 14.83
C2 GOL P . -37.76 -15.64 14.06
O2 GOL P . -38.36 -15.35 15.29
C3 GOL P . -38.55 -15.07 12.86
O3 GOL P . -38.15 -15.78 11.74
C1 GOL Q . 7.45 -5.81 14.10
O1 GOL Q . 8.37 -6.48 13.30
C2 GOL Q . 7.44 -4.29 13.69
O2 GOL Q . 7.97 -4.07 12.43
C3 GOL Q . 8.25 -3.58 14.80
O3 GOL Q . 8.17 -2.22 14.52
C1 GOL R . -8.87 -8.76 -1.39
O1 GOL R . -8.41 -8.04 -2.47
C2 GOL R . -8.36 -8.05 -0.11
O2 GOL R . -8.99 -8.56 1.03
C3 GOL R . -6.82 -8.29 -0.10
O3 GOL R . -6.32 -7.82 1.14
#